data_6VYC
#
_entry.id   6VYC
#
_cell.length_a   77.004
_cell.length_b   84.047
_cell.length_c   110.165
_cell.angle_alpha   90.000
_cell.angle_beta   90.000
_cell.angle_gamma   90.000
#
_symmetry.space_group_name_H-M   'P 21 2 21'
#
loop_
_entity.id
_entity.type
_entity.pdbx_description
1 polymer 'WD repeat-containing protein 91'
2 non-polymer 'UNKNOWN ATOM OR ION'
3 water water
#
_entity_poly.entity_id   1
_entity_poly.type   'polypeptide(L)'
_entity_poly.pdbx_seq_one_letter_code
;MHHHHHHSSGRENLYFQGPEQPFIVLGQEEYGEHHSSIMHCRVDCSGRRVASLDVDGVIKVWSFNPIMQTKASSISKSPL
LSLEWATKRDRLLLLGSGVGTVRLYDTEAKKNLCEININDNMPRILSLACSPNGASFVCSAAAPSLTSQVDFSAPDIGSK
GMNQVPGRLLLWDTKTMKQQLQFSLDPEPIAINCTAFNHNGNLLVTGAADGVIRLFDMQQHECAMSWRAHYGEVYSVEFS
YDENTVYSIGEDGKFIQWNIHKSGLKVSEYSLPSDATGPFVLSGYSGYKQVQVPRGRLFAFDSEGNYMLTCSATGGVIYK
LGGDEKVLESCLSLGGHRAPVVTVDWSTAMDCGTCLTASMDGKIKLTTLLAHKA
;
_entity_poly.pdbx_strand_id   A,B
#
loop_
_chem_comp.id
_chem_comp.type
_chem_comp.name
_chem_comp.formula
UNX non-polymer 'UNKNOWN ATOM OR ION' ?
#
# COMPACT_ATOMS: atom_id res chain seq x y z
N GLN A 21 -1.24 -23.17 -17.51
CA GLN A 21 -1.59 -23.48 -16.09
C GLN A 21 -0.78 -22.56 -15.16
N PRO A 22 -1.28 -21.34 -14.85
CA PRO A 22 -0.58 -20.41 -13.97
C PRO A 22 -0.62 -20.73 -12.46
N PHE A 23 -1.46 -21.68 -12.05
CA PHE A 23 -1.63 -22.11 -10.63
C PHE A 23 -1.55 -23.63 -10.50
N ILE A 24 -0.84 -24.11 -9.47
CA ILE A 24 -0.89 -25.50 -8.94
C ILE A 24 -2.04 -25.57 -7.92
N VAL A 25 -3.04 -26.43 -8.16
CA VAL A 25 -4.14 -26.75 -7.21
C VAL A 25 -3.58 -27.73 -6.16
N LEU A 26 -3.21 -27.23 -4.99
CA LEU A 26 -2.66 -28.07 -3.87
C LEU A 26 -3.78 -28.94 -3.30
N GLY A 27 -5.02 -28.45 -3.24
CA GLY A 27 -6.18 -29.25 -2.78
C GLY A 27 -7.44 -28.43 -2.61
N GLN A 28 -8.56 -29.10 -2.35
CA GLN A 28 -9.89 -28.48 -2.11
C GLN A 28 -10.50 -29.11 -0.85
N GLU A 29 -11.01 -28.28 0.05
CA GLU A 29 -11.70 -28.71 1.29
C GLU A 29 -13.05 -28.00 1.37
N GLU A 30 -13.95 -28.52 2.20
CA GLU A 30 -15.35 -28.04 2.28
C GLU A 30 -15.72 -27.73 3.73
N TYR A 31 -16.18 -26.50 3.97
CA TYR A 31 -16.79 -26.04 5.24
C TYR A 31 -18.32 -26.10 5.09
N GLY A 32 -18.99 -26.95 5.89
CA GLY A 32 -20.42 -27.26 5.76
C GLY A 32 -21.24 -26.93 7.00
N GLU A 33 -20.76 -26.03 7.86
CA GLU A 33 -21.46 -25.69 9.13
C GLU A 33 -22.69 -24.81 8.89
N HIS A 34 -22.78 -24.11 7.76
CA HIS A 34 -24.00 -23.34 7.34
C HIS A 34 -25.03 -24.31 6.74
N HIS A 35 -26.30 -24.15 7.12
CA HIS A 35 -27.43 -24.96 6.58
C HIS A 35 -28.38 -24.08 5.76
N SER A 36 -27.96 -22.86 5.40
CA SER A 36 -28.69 -21.93 4.52
C SER A 36 -27.74 -21.31 3.51
N SER A 37 -28.29 -20.76 2.42
CA SER A 37 -27.51 -20.09 1.33
C SER A 37 -26.59 -19.02 1.93
N ILE A 38 -25.34 -18.96 1.45
CA ILE A 38 -24.32 -17.98 1.92
C ILE A 38 -24.65 -16.61 1.29
N MET A 39 -24.54 -15.55 2.07
CA MET A 39 -24.62 -14.14 1.61
C MET A 39 -23.19 -13.59 1.46
N HIS A 40 -22.34 -13.79 2.47
CA HIS A 40 -20.98 -13.24 2.55
C HIS A 40 -20.01 -14.28 3.11
N CYS A 41 -18.78 -14.24 2.61
N CYS A 41 -18.80 -14.34 2.55
CA CYS A 41 -17.64 -15.10 2.99
CA CYS A 41 -17.65 -15.09 3.11
C CYS A 41 -16.37 -14.28 2.78
C CYS A 41 -16.37 -14.29 2.80
N ARG A 42 -15.75 -13.77 3.86
CA ARG A 42 -14.57 -12.87 3.74
C ARG A 42 -13.46 -13.40 4.65
N VAL A 43 -12.27 -13.53 4.07
CA VAL A 43 -11.02 -13.84 4.85
C VAL A 43 -10.59 -12.52 5.51
N ASP A 44 -10.09 -12.59 6.74
CA ASP A 44 -9.57 -11.40 7.47
C ASP A 44 -8.24 -10.99 6.83
N CYS A 45 -7.66 -9.87 7.24
CA CYS A 45 -6.46 -9.29 6.55
C CYS A 45 -5.22 -10.15 6.83
N SER A 46 -5.19 -10.93 7.93
CA SER A 46 -4.08 -11.85 8.27
C SER A 46 -4.13 -13.14 7.42
N GLY A 47 -5.25 -13.40 6.74
CA GLY A 47 -5.42 -14.58 5.88
C GLY A 47 -5.62 -15.88 6.67
N ARG A 48 -6.04 -15.76 7.94
CA ARG A 48 -6.05 -16.89 8.92
C ARG A 48 -7.49 -17.26 9.32
N ARG A 49 -8.42 -16.31 9.28
CA ARG A 49 -9.82 -16.49 9.78
C ARG A 49 -10.81 -16.16 8.65
N VAL A 50 -11.89 -16.94 8.57
CA VAL A 50 -13.03 -16.65 7.66
C VAL A 50 -14.23 -16.23 8.52
N ALA A 51 -14.90 -15.15 8.15
CA ALA A 51 -16.26 -14.80 8.60
C ALA A 51 -17.22 -15.08 7.45
N SER A 52 -18.17 -15.97 7.67
CA SER A 52 -19.23 -16.33 6.69
C SER A 52 -20.59 -16.07 7.34
N LEU A 53 -21.51 -15.52 6.54
CA LEU A 53 -22.88 -15.11 6.95
C LEU A 53 -23.87 -15.67 5.93
N ASP A 54 -24.90 -16.38 6.41
CA ASP A 54 -25.94 -16.99 5.54
C ASP A 54 -27.21 -16.14 5.61
N VAL A 55 -28.21 -16.52 4.81
CA VAL A 55 -29.48 -15.78 4.63
C VAL A 55 -30.38 -15.95 5.86
N ASP A 56 -30.08 -16.90 6.76
CA ASP A 56 -30.81 -17.08 8.04
C ASP A 56 -30.18 -16.23 9.16
N GLY A 57 -29.14 -15.44 8.85
CA GLY A 57 -28.47 -14.56 9.83
C GLY A 57 -27.52 -15.30 10.75
N VAL A 58 -27.06 -16.51 10.41
CA VAL A 58 -26.02 -17.23 11.18
C VAL A 58 -24.64 -16.75 10.70
N ILE A 59 -23.81 -16.27 11.63
CA ILE A 59 -22.38 -15.94 11.41
C ILE A 59 -21.56 -17.11 11.93
N LYS A 60 -20.65 -17.64 11.10
CA LYS A 60 -19.59 -18.59 11.52
C LYS A 60 -18.25 -17.86 11.35
N VAL A 61 -17.41 -17.89 12.38
CA VAL A 61 -15.98 -17.46 12.30
C VAL A 61 -15.14 -18.71 12.44
N TRP A 62 -14.31 -19.02 11.45
CA TRP A 62 -13.62 -20.32 11.37
C TRP A 62 -12.20 -20.15 10.80
N SER A 63 -11.34 -21.07 11.22
CA SER A 63 -9.95 -21.25 10.76
C SER A 63 -9.94 -22.43 9.79
N PHE A 64 -8.95 -22.46 8.90
CA PHE A 64 -8.72 -23.56 7.92
C PHE A 64 -7.26 -24.02 7.95
N ASN A 65 -6.40 -23.37 8.74
CA ASN A 65 -4.96 -23.70 8.87
C ASN A 65 -4.63 -23.75 10.36
N PRO A 66 -4.24 -24.90 10.95
CA PRO A 66 -3.90 -26.12 10.21
C PRO A 66 -5.07 -27.02 9.77
N ILE A 67 -6.24 -26.86 10.39
CA ILE A 67 -7.46 -27.68 10.09
C ILE A 67 -8.67 -26.75 10.00
N MET A 68 -9.74 -27.23 9.37
CA MET A 68 -11.05 -26.55 9.34
C MET A 68 -11.76 -26.79 10.69
N GLN A 69 -12.01 -25.70 11.40
CA GLN A 69 -12.67 -25.70 12.74
C GLN A 69 -13.34 -24.35 12.94
N THR A 70 -14.60 -24.38 13.38
CA THR A 70 -15.37 -23.20 13.84
C THR A 70 -14.75 -22.65 15.13
N LYS A 71 -14.47 -21.34 15.16
CA LYS A 71 -13.98 -20.63 16.38
C LYS A 71 -15.16 -19.98 17.10
N ALA A 72 -16.17 -19.53 16.36
CA ALA A 72 -17.27 -18.72 16.91
C ALA A 72 -18.51 -18.85 16.01
N SER A 73 -19.68 -18.72 16.65
CA SER A 73 -21.02 -18.87 16.04
C SER A 73 -21.99 -17.94 16.77
N SER A 74 -22.74 -17.12 16.02
CA SER A 74 -23.86 -16.29 16.56
C SER A 74 -25.04 -16.29 15.58
N ILE A 75 -26.24 -16.28 16.13
CA ILE A 75 -27.51 -16.23 15.36
C ILE A 75 -28.06 -14.82 15.53
N SER A 76 -28.25 -14.08 14.45
CA SER A 76 -28.84 -12.72 14.46
C SER A 76 -30.36 -12.83 14.66
N LYS A 77 -30.94 -12.08 15.60
CA LYS A 77 -32.42 -11.90 15.67
C LYS A 77 -32.84 -11.20 14.37
N SER A 78 -32.05 -10.21 13.96
CA SER A 78 -32.34 -9.26 12.86
C SER A 78 -31.71 -9.75 11.55
N PRO A 79 -32.25 -9.32 10.39
CA PRO A 79 -31.57 -9.56 9.11
C PRO A 79 -30.20 -8.86 9.10
N LEU A 80 -29.15 -9.53 8.64
CA LEU A 80 -27.83 -8.90 8.37
C LEU A 80 -27.60 -8.88 6.85
N LEU A 81 -27.11 -7.76 6.34
CA LEU A 81 -27.03 -7.45 4.88
C LEU A 81 -25.58 -7.28 4.42
N SER A 82 -24.68 -6.85 5.31
CA SER A 82 -23.26 -6.59 4.98
C SER A 82 -22.33 -7.06 6.09
N LEU A 83 -21.07 -7.30 5.73
CA LEU A 83 -20.03 -7.94 6.57
C LEU A 83 -18.67 -7.38 6.16
N GLU A 84 -17.88 -6.89 7.10
CA GLU A 84 -16.58 -6.22 6.81
C GLU A 84 -15.65 -6.39 8.01
N TRP A 85 -14.46 -6.95 7.78
CA TRP A 85 -13.39 -7.03 8.81
C TRP A 85 -12.88 -5.62 9.13
N ALA A 86 -12.75 -5.28 10.42
CA ALA A 86 -12.07 -4.05 10.88
C ALA A 86 -10.58 -4.14 10.52
N THR A 87 -9.94 -2.99 10.27
CA THR A 87 -8.56 -2.91 9.73
C THR A 87 -7.53 -2.79 10.85
N LYS A 88 -7.78 -1.98 11.88
CA LYS A 88 -6.81 -1.75 12.99
C LYS A 88 -6.97 -2.87 14.03
N ARG A 89 -8.23 -3.15 14.42
CA ARG A 89 -8.61 -4.18 15.41
C ARG A 89 -8.79 -5.53 14.70
N ASP A 90 -7.74 -6.36 14.69
CA ASP A 90 -7.80 -7.75 14.16
C ASP A 90 -8.74 -8.54 15.08
N ARG A 91 -9.53 -9.46 14.49
CA ARG A 91 -10.55 -10.26 15.20
C ARG A 91 -11.83 -9.44 15.41
N LEU A 92 -11.91 -8.18 14.96
CA LEU A 92 -13.17 -7.38 15.01
C LEU A 92 -13.89 -7.42 13.65
N LEU A 93 -15.19 -7.71 13.68
CA LEU A 93 -16.05 -7.84 12.49
C LEU A 93 -17.18 -6.79 12.56
N LEU A 94 -17.34 -6.01 11.49
CA LEU A 94 -18.50 -5.08 11.32
C LEU A 94 -19.60 -5.82 10.56
N LEU A 95 -20.82 -5.78 11.10
CA LEU A 95 -22.03 -6.39 10.50
C LEU A 95 -23.10 -5.32 10.33
N GLY A 96 -23.52 -5.08 9.08
CA GLY A 96 -24.61 -4.14 8.76
C GLY A 96 -25.94 -4.87 8.73
N SER A 97 -26.92 -4.37 9.48
CA SER A 97 -28.24 -5.01 9.65
C SER A 97 -29.25 -4.44 8.65
N GLY A 98 -30.47 -4.98 8.67
CA GLY A 98 -31.65 -4.44 7.95
C GLY A 98 -32.49 -3.58 8.87
N VAL A 99 -31.98 -3.24 10.06
CA VAL A 99 -32.69 -2.39 11.06
C VAL A 99 -31.82 -1.17 11.38
N GLY A 100 -31.00 -0.75 10.41
CA GLY A 100 -30.28 0.53 10.41
C GLY A 100 -29.22 0.60 11.50
N THR A 101 -28.50 -0.52 11.72
CA THR A 101 -27.42 -0.60 12.73
C THR A 101 -26.17 -1.25 12.14
N VAL A 102 -25.02 -0.98 12.75
CA VAL A 102 -23.74 -1.70 12.51
C VAL A 102 -23.32 -2.36 13.82
N ARG A 103 -23.19 -3.69 13.82
CA ARG A 103 -22.71 -4.48 14.98
C ARG A 103 -21.19 -4.57 14.91
N LEU A 104 -20.51 -4.29 16.03
CA LEU A 104 -19.07 -4.61 16.24
C LEU A 104 -19.03 -5.93 16.99
N TYR A 105 -18.69 -7.01 16.29
CA TYR A 105 -18.59 -8.38 16.85
C TYR A 105 -17.12 -8.71 17.10
N ASP A 106 -16.77 -8.88 18.38
CA ASP A 106 -15.43 -9.35 18.82
C ASP A 106 -15.40 -10.86 18.63
N THR A 107 -14.64 -11.35 17.64
CA THR A 107 -14.60 -12.79 17.27
C THR A 107 -13.77 -13.57 18.30
N GLU A 108 -12.88 -12.89 19.04
CA GLU A 108 -12.01 -13.51 20.07
C GLU A 108 -12.80 -13.66 21.39
N ALA A 109 -13.42 -12.58 21.87
CA ALA A 109 -14.29 -12.58 23.05
C ALA A 109 -15.63 -13.27 22.74
N LYS A 110 -15.93 -13.45 21.45
CA LYS A 110 -17.14 -14.17 20.96
C LYS A 110 -18.39 -13.50 21.53
N LYS A 111 -18.48 -12.16 21.38
CA LYS A 111 -19.71 -11.38 21.70
C LYS A 111 -19.72 -10.07 20.91
N ASN A 112 -20.91 -9.48 20.79
CA ASN A 112 -21.13 -8.12 20.24
C ASN A 112 -20.68 -7.14 21.32
N LEU A 113 -19.75 -6.23 20.97
CA LEU A 113 -19.29 -5.14 21.87
C LEU A 113 -20.38 -4.08 21.96
N CYS A 114 -20.95 -3.71 20.81
CA CYS A 114 -21.97 -2.65 20.69
C CYS A 114 -22.69 -2.75 19.34
N GLU A 115 -23.91 -2.20 19.30
CA GLU A 115 -24.74 -1.95 18.10
C GLU A 115 -24.80 -0.44 17.88
N ILE A 116 -24.22 0.06 16.79
CA ILE A 116 -24.20 1.50 16.43
C ILE A 116 -25.47 1.79 15.64
N ASN A 117 -26.24 2.82 16.03
CA ASN A 117 -27.51 3.21 15.37
C ASN A 117 -27.16 4.19 14.25
N ILE A 118 -27.41 3.76 12.99
CA ILE A 118 -27.05 4.53 11.77
C ILE A 118 -28.24 5.42 11.39
N ASN A 119 -29.39 4.82 11.08
CA ASN A 119 -30.57 5.53 10.54
C ASN A 119 -31.81 4.62 10.57
N ASP A 120 -32.92 5.11 11.12
CA ASP A 120 -34.18 4.32 11.26
C ASP A 120 -34.97 4.37 9.95
N ASN A 121 -34.91 5.51 9.25
CA ASN A 121 -35.70 5.78 8.01
C ASN A 121 -35.09 5.02 6.82
N MET A 122 -33.78 4.74 6.87
CA MET A 122 -33.04 4.02 5.80
C MET A 122 -32.27 2.87 6.44
N PRO A 123 -32.98 1.78 6.81
CA PRO A 123 -32.44 0.76 7.69
C PRO A 123 -31.63 -0.35 7.02
N ARG A 124 -31.55 -0.37 5.69
CA ARG A 124 -30.78 -1.39 4.94
C ARG A 124 -29.33 -0.92 4.82
N ILE A 125 -28.43 -1.47 5.64
CA ILE A 125 -26.98 -1.18 5.59
C ILE A 125 -26.37 -2.14 4.58
N LEU A 126 -26.38 -1.73 3.30
CA LEU A 126 -26.05 -2.61 2.15
C LEU A 126 -24.53 -2.73 1.96
N SER A 127 -23.73 -1.83 2.51
CA SER A 127 -22.27 -1.80 2.30
C SER A 127 -21.56 -1.19 3.51
N LEU A 128 -20.39 -1.74 3.84
CA LEU A 128 -19.46 -1.24 4.87
C LEU A 128 -18.04 -1.30 4.31
N ALA A 129 -17.30 -0.19 4.44
CA ALA A 129 -15.88 -0.08 4.10
C ALA A 129 -15.15 0.56 5.28
N CYS A 130 -14.24 -0.19 5.89
CA CYS A 130 -13.35 0.31 6.98
C CYS A 130 -12.14 1.01 6.35
N SER A 131 -11.90 2.24 6.77
CA SER A 131 -10.69 3.02 6.40
C SER A 131 -9.45 2.20 6.76
N PRO A 132 -8.45 2.13 5.86
CA PRO A 132 -7.20 1.41 6.15
C PRO A 132 -6.54 1.83 7.48
N ASN A 133 -6.66 3.10 7.86
CA ASN A 133 -6.00 3.65 9.09
C ASN A 133 -6.82 3.25 10.32
N GLY A 134 -8.05 2.73 10.14
CA GLY A 134 -8.86 2.13 11.21
C GLY A 134 -9.62 3.15 12.04
N ALA A 135 -9.63 4.41 11.62
CA ALA A 135 -10.17 5.55 12.39
C ALA A 135 -11.65 5.76 12.05
N SER A 136 -12.16 5.13 10.99
CA SER A 136 -13.51 5.41 10.46
C SER A 136 -13.98 4.26 9.57
N PHE A 137 -15.29 4.24 9.31
CA PHE A 137 -15.90 3.37 8.27
C PHE A 137 -16.91 4.20 7.50
N VAL A 138 -17.09 3.85 6.23
CA VAL A 138 -18.21 4.34 5.37
C VAL A 138 -19.26 3.24 5.34
N CYS A 139 -20.54 3.61 5.43
CA CYS A 139 -21.66 2.66 5.29
C CYS A 139 -22.71 3.27 4.36
N SER A 140 -23.30 2.41 3.55
CA SER A 140 -24.51 2.69 2.72
C SER A 140 -25.74 2.37 3.56
N ALA A 141 -26.68 3.30 3.66
CA ALA A 141 -27.98 3.16 4.35
C ALA A 141 -29.12 3.46 3.37
N ALA A 142 -29.92 2.45 3.02
CA ALA A 142 -30.97 2.52 1.97
C ALA A 142 -32.36 2.34 2.59
N ALA A 143 -33.35 3.02 2.00
CA ALA A 143 -34.79 2.89 2.32
C ALA A 143 -35.24 1.47 1.99
N PRO A 144 -36.38 1.00 2.56
CA PRO A 144 -36.90 -0.33 2.23
C PRO A 144 -37.02 -0.53 0.71
N SER A 145 -36.85 -1.79 0.27
CA SER A 145 -36.85 -2.20 -1.15
C SER A 145 -38.29 -2.24 -1.68
N LEU A 146 -38.76 -1.15 -2.28
CA LEU A 146 -40.08 -1.09 -2.98
C LEU A 146 -39.87 -1.33 -4.48
N THR A 147 -38.91 -0.64 -5.09
CA THR A 147 -38.73 -0.53 -6.57
C THR A 147 -37.23 -0.58 -6.92
N GLN A 164 -34.77 1.24 -7.65
CA GLN A 164 -34.67 2.73 -7.74
C GLN A 164 -35.29 3.36 -6.49
N VAL A 165 -34.70 3.10 -5.32
CA VAL A 165 -35.14 3.66 -4.00
C VAL A 165 -34.00 4.50 -3.41
N PRO A 166 -34.33 5.55 -2.62
CA PRO A 166 -33.34 6.46 -2.05
C PRO A 166 -32.42 5.79 -1.03
N GLY A 167 -31.22 6.35 -0.88
CA GLY A 167 -30.16 5.87 0.03
C GLY A 167 -29.26 7.00 0.45
N ARG A 168 -28.48 6.79 1.50
CA ARG A 168 -27.43 7.73 1.99
C ARG A 168 -26.08 7.00 1.98
N LEU A 169 -25.00 7.79 1.94
CA LEU A 169 -23.61 7.31 2.10
C LEU A 169 -22.99 8.15 3.21
N LEU A 170 -22.58 7.49 4.30
CA LEU A 170 -22.23 8.12 5.59
C LEU A 170 -20.83 7.69 5.99
N LEU A 171 -20.05 8.62 6.53
CA LEU A 171 -18.73 8.40 7.18
C LEU A 171 -18.93 8.43 8.70
N TRP A 172 -18.44 7.39 9.39
CA TRP A 172 -18.58 7.22 10.85
C TRP A 172 -17.20 7.22 11.50
N ASP A 173 -17.03 7.97 12.59
CA ASP A 173 -15.78 7.94 13.41
C ASP A 173 -15.90 6.79 14.40
N THR A 174 -15.03 5.77 14.25
CA THR A 174 -15.05 4.52 15.07
C THR A 174 -14.85 4.86 16.55
N LYS A 175 -14.03 5.87 16.86
CA LYS A 175 -13.65 6.25 18.25
C LYS A 175 -14.88 6.77 19.00
N THR A 176 -15.52 7.83 18.49
CA THR A 176 -16.68 8.52 19.10
C THR A 176 -17.99 7.80 18.78
N MET A 177 -17.97 6.87 17.80
CA MET A 177 -19.19 6.15 17.33
C MET A 177 -20.25 7.18 16.89
N LYS A 178 -19.83 8.35 16.40
CA LYS A 178 -20.73 9.42 15.87
C LYS A 178 -20.49 9.53 14.36
N GLN A 179 -21.54 9.79 13.58
CA GLN A 179 -21.49 10.19 12.15
C GLN A 179 -20.61 11.44 12.02
N GLN A 180 -19.68 11.45 11.06
CA GLN A 180 -18.80 12.60 10.76
C GLN A 180 -19.41 13.42 9.63
N LEU A 181 -19.90 12.74 8.59
CA LEU A 181 -20.10 13.33 7.23
C LEU A 181 -21.17 12.52 6.49
N GLN A 182 -22.04 13.19 5.73
CA GLN A 182 -22.95 12.54 4.76
C GLN A 182 -22.53 13.01 3.35
N PHE A 183 -22.23 12.07 2.46
CA PHE A 183 -21.77 12.37 1.08
C PHE A 183 -22.99 12.79 0.25
N SER A 184 -22.76 13.62 -0.78
CA SER A 184 -23.79 14.07 -1.76
C SER A 184 -23.98 13.00 -2.83
N LEU A 185 -25.18 12.42 -2.93
CA LEU A 185 -25.57 11.49 -4.02
C LEU A 185 -26.41 12.23 -5.06
N ASP A 186 -25.76 12.70 -6.14
CA ASP A 186 -26.40 13.39 -7.29
C ASP A 186 -26.68 12.37 -8.39
N PRO A 187 -27.80 12.47 -9.14
CA PRO A 187 -28.76 13.58 -8.99
C PRO A 187 -29.80 13.42 -7.88
N GLU A 188 -29.99 12.20 -7.34
CA GLU A 188 -30.98 11.85 -6.30
C GLU A 188 -30.37 10.88 -5.31
N PRO A 189 -30.69 10.98 -4.00
CA PRO A 189 -30.40 9.91 -3.04
C PRO A 189 -30.73 8.58 -3.74
N ILE A 190 -29.78 7.63 -3.77
CA ILE A 190 -29.98 6.28 -4.35
C ILE A 190 -29.25 5.26 -3.47
N ALA A 191 -29.72 4.01 -3.43
CA ALA A 191 -29.09 2.92 -2.67
C ALA A 191 -27.70 2.66 -3.26
N ILE A 192 -26.66 2.74 -2.42
CA ILE A 192 -25.26 2.35 -2.75
C ILE A 192 -25.12 0.87 -2.39
N ASN A 193 -24.80 0.02 -3.35
CA ASN A 193 -24.71 -1.45 -3.21
C ASN A 193 -23.32 -1.86 -2.73
N CYS A 194 -22.27 -1.18 -3.20
CA CYS A 194 -20.87 -1.67 -3.07
C CYS A 194 -19.91 -0.49 -2.94
N THR A 195 -18.85 -0.69 -2.15
CA THR A 195 -17.81 0.32 -1.83
C THR A 195 -16.46 -0.36 -1.77
N ALA A 196 -15.40 0.35 -2.16
CA ALA A 196 -14.01 -0.10 -1.99
C ALA A 196 -13.11 1.13 -1.84
N PHE A 197 -12.19 1.06 -0.87
CA PHE A 197 -11.14 2.08 -0.61
C PHE A 197 -9.92 1.76 -1.48
N ASN A 198 -9.19 2.80 -1.89
CA ASN A 198 -7.81 2.67 -2.42
C ASN A 198 -6.86 2.35 -1.24
N HIS A 199 -5.57 2.17 -1.50
CA HIS A 199 -4.57 1.72 -0.48
CA HIS A 199 -4.57 1.73 -0.48
C HIS A 199 -4.49 2.74 0.67
N ASN A 200 -4.52 4.03 0.36
CA ASN A 200 -4.41 5.17 1.31
C ASN A 200 -5.69 5.42 2.11
N GLY A 201 -6.85 5.13 1.53
CA GLY A 201 -8.17 5.42 2.13
C GLY A 201 -8.63 6.85 1.89
N ASN A 202 -8.02 7.59 0.97
CA ASN A 202 -8.48 8.97 0.61
C ASN A 202 -9.53 8.89 -0.51
N LEU A 203 -9.60 7.77 -1.25
CA LEU A 203 -10.57 7.57 -2.36
C LEU A 203 -11.44 6.34 -2.07
N LEU A 204 -12.74 6.50 -2.28
CA LEU A 204 -13.77 5.45 -2.15
C LEU A 204 -14.55 5.37 -3.46
N VAL A 205 -14.45 4.22 -4.16
CA VAL A 205 -15.25 3.93 -5.37
C VAL A 205 -16.54 3.23 -4.92
N THR A 206 -17.67 3.59 -5.54
CA THR A 206 -19.02 3.13 -5.16
C THR A 206 -19.82 2.78 -6.41
N GLY A 207 -20.69 1.77 -6.30
CA GLY A 207 -21.68 1.38 -7.31
C GLY A 207 -23.07 1.42 -6.71
N ALA A 208 -24.03 2.01 -7.44
CA ALA A 208 -25.41 2.25 -6.95
C ALA A 208 -26.42 1.45 -7.77
N ALA A 209 -27.64 1.39 -7.25
CA ALA A 209 -28.78 0.67 -7.84
C ALA A 209 -29.19 1.31 -9.17
N ASP A 210 -28.82 2.57 -9.42
CA ASP A 210 -29.13 3.30 -10.68
C ASP A 210 -28.05 3.03 -11.74
N GLY A 211 -27.08 2.17 -11.46
CA GLY A 211 -26.02 1.76 -12.41
C GLY A 211 -24.87 2.75 -12.47
N VAL A 212 -24.87 3.76 -11.61
CA VAL A 212 -23.86 4.85 -11.60
C VAL A 212 -22.72 4.45 -10.65
N ILE A 213 -21.48 4.67 -11.11
CA ILE A 213 -20.27 4.61 -10.23
C ILE A 213 -19.97 6.04 -9.80
N ARG A 214 -19.76 6.23 -8.49
CA ARG A 214 -19.36 7.52 -7.88
C ARG A 214 -18.03 7.28 -7.16
N LEU A 215 -17.00 8.05 -7.51
CA LEU A 215 -15.69 8.07 -6.82
C LEU A 215 -15.67 9.27 -5.87
N PHE A 216 -15.59 9.02 -4.56
CA PHE A 216 -15.54 10.07 -3.52
C PHE A 216 -14.10 10.28 -3.04
N ASP A 217 -13.72 11.55 -2.92
CA ASP A 217 -12.60 12.03 -2.07
C ASP A 217 -13.12 12.10 -0.63
N MET A 218 -12.35 11.57 0.34
CA MET A 218 -12.81 11.42 1.75
C MET A 218 -12.93 12.76 2.48
N GLN A 219 -12.22 13.81 2.04
CA GLN A 219 -12.38 15.20 2.56
C GLN A 219 -13.16 16.06 1.56
N GLN A 220 -14.27 15.55 1.01
CA GLN A 220 -15.17 16.28 0.07
C GLN A 220 -16.58 15.65 0.06
N HIS A 221 -17.59 16.46 0.38
CA HIS A 221 -19.05 16.13 0.34
C HIS A 221 -19.42 15.59 -1.05
N GLU A 222 -19.08 16.37 -2.09
CA GLU A 222 -19.39 16.05 -3.51
C GLU A 222 -18.32 15.11 -4.05
N CYS A 223 -18.70 14.17 -4.92
CA CYS A 223 -17.81 13.13 -5.48
C CYS A 223 -16.82 13.76 -6.47
N ALA A 224 -15.64 13.17 -6.61
CA ALA A 224 -14.56 13.64 -7.50
C ALA A 224 -14.93 13.36 -8.95
N MET A 225 -15.80 12.38 -9.19
CA MET A 225 -15.95 11.66 -10.48
C MET A 225 -17.19 10.77 -10.41
N SER A 226 -17.99 10.72 -11.47
CA SER A 226 -19.09 9.74 -11.61
C SER A 226 -19.40 9.49 -13.09
N TRP A 227 -19.96 8.32 -13.40
CA TRP A 227 -20.37 7.94 -14.78
C TRP A 227 -21.38 6.79 -14.71
N ARG A 228 -22.23 6.69 -15.73
CA ARG A 228 -23.15 5.55 -15.94
C ARG A 228 -22.28 4.35 -16.32
N ALA A 229 -22.30 3.30 -15.51
CA ALA A 229 -21.41 2.13 -15.64
C ALA A 229 -22.18 0.92 -16.18
N HIS A 230 -23.38 0.66 -15.65
CA HIS A 230 -24.20 -0.52 -16.00
C HIS A 230 -25.64 -0.10 -16.30
N TYR A 231 -26.31 -0.84 -17.18
CA TYR A 231 -27.79 -0.87 -17.30
C TYR A 231 -28.31 -1.75 -16.16
N GLY A 232 -29.00 -1.15 -15.20
CA GLY A 232 -29.39 -1.81 -13.93
C GLY A 232 -28.34 -1.60 -12.85
N GLU A 233 -28.39 -2.40 -11.79
CA GLU A 233 -27.61 -2.21 -10.55
C GLU A 233 -26.13 -2.56 -10.74
N VAL A 234 -25.26 -1.81 -10.07
CA VAL A 234 -23.82 -2.17 -9.88
C VAL A 234 -23.73 -3.07 -8.66
N TYR A 235 -23.13 -4.25 -8.78
CA TYR A 235 -23.06 -5.27 -7.70
C TYR A 235 -21.74 -5.20 -6.93
N SER A 236 -20.60 -5.11 -7.64
CA SER A 236 -19.25 -5.07 -7.03
C SER A 236 -18.38 -4.06 -7.77
N VAL A 237 -17.52 -3.36 -7.03
CA VAL A 237 -16.49 -2.42 -7.55
C VAL A 237 -15.19 -2.69 -6.80
N GLU A 238 -14.07 -2.45 -7.47
CA GLU A 238 -12.71 -2.67 -6.91
C GLU A 238 -11.75 -1.74 -7.64
N PHE A 239 -10.73 -1.25 -6.93
CA PHE A 239 -9.53 -0.62 -7.53
C PHE A 239 -8.66 -1.74 -8.11
N SER A 240 -8.11 -1.54 -9.31
CA SER A 240 -7.00 -2.35 -9.87
C SER A 240 -5.85 -2.30 -8.89
N TYR A 241 -4.95 -3.28 -8.96
CA TYR A 241 -3.71 -3.36 -8.14
C TYR A 241 -2.92 -2.05 -8.29
N ASP A 242 -2.79 -1.53 -9.51
CA ASP A 242 -1.97 -0.31 -9.82
C ASP A 242 -2.80 0.96 -9.60
N GLU A 243 -4.10 0.80 -9.32
CA GLU A 243 -5.07 1.87 -8.98
C GLU A 243 -5.27 2.84 -10.15
N ASN A 244 -4.88 2.47 -11.38
CA ASN A 244 -5.12 3.29 -12.60
C ASN A 244 -6.53 3.02 -13.16
N THR A 245 -7.16 1.91 -12.76
CA THR A 245 -8.52 1.56 -13.22
C THR A 245 -9.36 1.11 -12.02
N VAL A 246 -10.68 1.15 -12.18
CA VAL A 246 -11.63 0.44 -11.28
C VAL A 246 -12.35 -0.61 -12.12
N TYR A 247 -12.61 -1.76 -11.52
CA TYR A 247 -13.39 -2.88 -12.10
C TYR A 247 -14.80 -2.85 -11.52
N SER A 248 -15.81 -3.13 -12.35
CA SER A 248 -17.22 -3.21 -11.92
C SER A 248 -17.89 -4.41 -12.59
N ILE A 249 -18.89 -4.94 -11.90
CA ILE A 249 -19.78 -6.02 -12.42
C ILE A 249 -21.20 -5.64 -12.02
N GLY A 250 -22.16 -5.81 -12.94
CA GLY A 250 -23.53 -5.28 -12.76
C GLY A 250 -24.60 -6.21 -13.29
N GLU A 251 -25.85 -5.76 -13.16
CA GLU A 251 -27.09 -6.49 -13.51
C GLU A 251 -27.12 -6.83 -15.00
N ASP A 252 -26.47 -6.04 -15.85
CA ASP A 252 -26.42 -6.30 -17.33
C ASP A 252 -25.49 -7.48 -17.63
N GLY A 253 -24.85 -8.04 -16.60
CA GLY A 253 -23.99 -9.24 -16.72
C GLY A 253 -22.62 -8.88 -17.26
N LYS A 254 -22.26 -7.60 -17.26
CA LYS A 254 -21.00 -7.10 -17.86
C LYS A 254 -19.94 -6.92 -16.77
N PHE A 255 -18.70 -7.30 -17.08
CA PHE A 255 -17.48 -6.94 -16.30
C PHE A 255 -16.76 -5.84 -17.08
N ILE A 256 -16.57 -4.67 -16.45
CA ILE A 256 -15.99 -3.48 -17.13
C ILE A 256 -14.82 -2.94 -16.31
N GLN A 257 -13.76 -2.55 -17.02
CA GLN A 257 -12.55 -1.86 -16.49
C GLN A 257 -12.63 -0.40 -16.94
N TRP A 258 -12.67 0.52 -15.97
CA TRP A 258 -12.82 1.97 -16.20
C TRP A 258 -11.48 2.66 -15.90
N ASN A 259 -11.05 3.54 -16.81
CA ASN A 259 -9.91 4.46 -16.61
C ASN A 259 -10.32 5.52 -15.59
N ILE A 260 -9.67 5.52 -14.41
CA ILE A 260 -9.97 6.42 -13.26
C ILE A 260 -9.39 7.81 -13.52
N HIS A 261 -8.58 7.98 -14.57
CA HIS A 261 -7.95 9.26 -14.96
C HIS A 261 -8.81 9.95 -16.04
N LYS A 262 -9.75 9.22 -16.65
CA LYS A 262 -10.52 9.63 -17.85
C LYS A 262 -11.96 9.13 -17.67
N SER A 263 -12.77 9.92 -16.95
CA SER A 263 -14.09 9.53 -16.37
C SER A 263 -14.97 8.82 -17.41
N GLY A 264 -15.08 7.49 -17.31
CA GLY A 264 -16.03 6.69 -18.11
C GLY A 264 -15.41 6.20 -19.41
N LEU A 265 -14.14 6.49 -19.67
CA LEU A 265 -13.34 5.78 -20.70
C LEU A 265 -13.26 4.33 -20.20
N LYS A 266 -13.79 3.42 -21.01
CA LYS A 266 -13.67 1.96 -20.81
C LYS A 266 -12.29 1.54 -21.31
N VAL A 267 -11.58 0.75 -20.52
CA VAL A 267 -10.28 0.14 -20.90
C VAL A 267 -10.57 -1.27 -21.44
N SER A 268 -11.52 -1.97 -20.83
CA SER A 268 -12.01 -3.28 -21.30
C SER A 268 -13.47 -3.47 -20.85
N GLU A 269 -14.21 -4.29 -21.61
CA GLU A 269 -15.64 -4.64 -21.36
C GLU A 269 -15.85 -6.09 -21.80
N TYR A 270 -16.50 -6.90 -20.95
CA TYR A 270 -16.77 -8.33 -21.23
C TYR A 270 -18.16 -8.71 -20.72
N SER A 271 -18.91 -9.43 -21.54
CA SER A 271 -20.14 -10.15 -21.12
C SER A 271 -19.75 -11.48 -20.50
N LEU A 272 -19.85 -11.58 -19.18
CA LEU A 272 -19.60 -12.84 -18.43
C LEU A 272 -20.76 -13.79 -18.67
N PRO A 273 -20.58 -15.11 -18.43
CA PRO A 273 -21.71 -16.04 -18.37
C PRO A 273 -22.77 -15.50 -17.39
N SER A 274 -24.05 -15.73 -17.70
CA SER A 274 -25.19 -15.26 -16.88
C SER A 274 -25.03 -15.75 -15.43
N ASP A 275 -24.50 -16.95 -15.20
CA ASP A 275 -24.38 -17.55 -13.85
C ASP A 275 -23.27 -16.86 -13.04
N ALA A 276 -22.57 -15.88 -13.62
CA ALA A 276 -21.61 -14.99 -12.91
C ALA A 276 -22.38 -13.93 -12.13
N THR A 277 -23.58 -13.54 -12.56
CA THR A 277 -24.34 -12.40 -11.97
C THR A 277 -25.79 -12.77 -11.60
N GLY A 278 -26.27 -13.97 -11.92
CA GLY A 278 -27.60 -14.45 -11.46
C GLY A 278 -28.73 -13.75 -12.21
N PRO A 279 -29.95 -13.64 -11.63
CA PRO A 279 -30.25 -14.11 -10.28
C PRO A 279 -29.92 -15.60 -10.09
N PHE A 280 -29.51 -15.97 -8.87
CA PHE A 280 -29.12 -17.36 -8.50
C PHE A 280 -30.37 -18.10 -8.02
N VAL A 281 -30.64 -19.27 -8.61
CA VAL A 281 -31.90 -20.05 -8.41
C VAL A 281 -31.54 -21.48 -7.97
N LEU A 282 -32.09 -21.93 -6.85
CA LEU A 282 -32.05 -23.33 -6.38
C LEU A 282 -33.50 -23.80 -6.19
N SER A 283 -33.97 -24.73 -7.03
CA SER A 283 -35.32 -25.34 -6.95
C SER A 283 -35.28 -26.63 -6.10
N GLY A 284 -36.26 -26.81 -5.22
CA GLY A 284 -36.48 -28.02 -4.41
C GLY A 284 -37.35 -29.04 -5.13
N TYR A 285 -37.52 -30.22 -4.53
CA TYR A 285 -38.13 -31.43 -5.16
C TYR A 285 -39.60 -31.20 -5.53
N SER A 286 -40.20 -30.06 -5.12
CA SER A 286 -41.63 -29.75 -5.38
C SER A 286 -41.78 -28.51 -6.27
N GLY A 287 -40.67 -27.89 -6.67
CA GLY A 287 -40.69 -26.65 -7.48
C GLY A 287 -40.77 -25.40 -6.62
N TYR A 288 -40.85 -25.55 -5.29
CA TYR A 288 -40.56 -24.47 -4.31
C TYR A 288 -39.09 -24.06 -4.51
N LYS A 289 -38.84 -22.81 -4.92
CA LYS A 289 -37.47 -22.42 -5.35
C LYS A 289 -36.98 -21.23 -4.54
N GLN A 290 -35.66 -21.18 -4.33
CA GLN A 290 -34.94 -20.07 -3.66
C GLN A 290 -34.30 -19.21 -4.75
N VAL A 291 -34.52 -17.90 -4.70
CA VAL A 291 -33.99 -16.91 -5.67
C VAL A 291 -33.17 -15.89 -4.88
N GLN A 292 -31.90 -15.74 -5.24
CA GLN A 292 -30.94 -14.85 -4.56
C GLN A 292 -30.40 -13.86 -5.61
N VAL A 293 -30.60 -12.57 -5.39
CA VAL A 293 -29.95 -11.49 -6.20
C VAL A 293 -28.60 -11.24 -5.54
N PRO A 294 -27.54 -10.83 -6.30
CA PRO A 294 -26.23 -10.64 -5.71
C PRO A 294 -26.31 -9.65 -4.54
N ARG A 295 -25.60 -9.98 -3.47
CA ARG A 295 -25.47 -9.14 -2.25
C ARG A 295 -23.98 -9.08 -1.88
N GLY A 296 -23.33 -10.26 -1.80
CA GLY A 296 -21.90 -10.38 -1.51
C GLY A 296 -21.06 -10.12 -2.75
N ARG A 297 -19.74 -10.02 -2.58
CA ARG A 297 -18.75 -9.81 -3.65
C ARG A 297 -18.94 -10.86 -4.74
N LEU A 298 -19.03 -10.41 -6.00
CA LEU A 298 -19.21 -11.31 -7.16
C LEU A 298 -17.85 -11.65 -7.79
N PHE A 299 -16.78 -10.90 -7.44
CA PHE A 299 -15.43 -11.17 -7.95
C PHE A 299 -14.41 -10.94 -6.83
N ALA A 300 -13.24 -11.54 -6.98
CA ALA A 300 -12.08 -11.43 -6.07
C ALA A 300 -10.82 -11.59 -6.92
N PHE A 301 -9.70 -11.07 -6.45
CA PHE A 301 -8.43 -10.98 -7.21
C PHE A 301 -7.30 -11.62 -6.41
N ASP A 302 -6.31 -12.16 -7.11
CA ASP A 302 -5.04 -12.63 -6.48
C ASP A 302 -4.28 -11.41 -5.98
N SER A 303 -3.18 -11.64 -5.27
CA SER A 303 -2.45 -10.62 -4.46
C SER A 303 -1.98 -9.46 -5.35
N GLU A 304 -1.62 -9.73 -6.60
CA GLU A 304 -1.08 -8.73 -7.57
C GLU A 304 -2.14 -8.31 -8.61
N GLY A 305 -3.38 -8.76 -8.47
CA GLY A 305 -4.51 -8.36 -9.33
C GLY A 305 -4.28 -8.71 -10.78
N ASN A 306 -3.67 -9.87 -11.05
CA ASN A 306 -3.44 -10.42 -12.40
C ASN A 306 -4.55 -11.41 -12.79
N TYR A 307 -5.26 -11.96 -11.81
CA TYR A 307 -6.31 -12.99 -12.01
C TYR A 307 -7.55 -12.62 -11.20
N MET A 308 -8.71 -13.02 -11.71
CA MET A 308 -10.03 -12.69 -11.12
C MET A 308 -10.85 -13.97 -10.99
N LEU A 309 -11.35 -14.23 -9.79
CA LEU A 309 -12.25 -15.36 -9.45
C LEU A 309 -13.69 -14.85 -9.59
N THR A 310 -14.56 -15.66 -10.21
CA THR A 310 -15.98 -15.33 -10.45
C THR A 310 -16.87 -16.51 -10.07
N CYS A 311 -18.17 -16.26 -9.93
CA CYS A 311 -19.21 -17.28 -9.65
C CYS A 311 -19.56 -18.05 -10.93
N SER A 312 -19.97 -19.31 -10.77
CA SER A 312 -20.68 -20.12 -11.79
C SER A 312 -21.54 -21.15 -11.08
N ALA A 313 -22.48 -21.77 -11.81
CA ALA A 313 -23.45 -22.78 -11.31
C ALA A 313 -22.72 -23.90 -10.55
N THR A 314 -21.49 -24.24 -10.95
CA THR A 314 -20.78 -25.48 -10.54
C THR A 314 -19.48 -25.18 -9.77
N GLY A 315 -19.08 -23.91 -9.60
CA GLY A 315 -17.85 -23.56 -8.87
C GLY A 315 -17.23 -22.25 -9.31
N GLY A 316 -16.11 -21.88 -8.70
CA GLY A 316 -15.32 -20.69 -9.07
C GLY A 316 -14.76 -20.79 -10.47
N VAL A 317 -14.75 -19.68 -11.20
CA VAL A 317 -14.13 -19.60 -12.55
C VAL A 317 -13.13 -18.43 -12.52
N ILE A 318 -11.87 -18.71 -12.83
CA ILE A 318 -10.76 -17.71 -12.77
C ILE A 318 -10.40 -17.29 -14.20
N TYR A 319 -10.25 -16.00 -14.42
CA TYR A 319 -9.81 -15.39 -15.70
C TYR A 319 -8.48 -14.65 -15.51
N LYS A 320 -7.62 -14.67 -16.53
CA LYS A 320 -6.40 -13.83 -16.59
C LYS A 320 -6.84 -12.42 -17.00
N LEU A 321 -6.50 -11.40 -16.19
CA LEU A 321 -6.79 -9.97 -16.49
C LEU A 321 -5.68 -9.42 -17.39
N GLU A 325 -7.08 -10.84 -25.11
CA GLU A 325 -6.71 -9.41 -25.29
C GLU A 325 -8.00 -8.58 -25.36
N LYS A 326 -8.86 -8.86 -26.34
CA LYS A 326 -10.10 -8.10 -26.67
C LYS A 326 -11.36 -8.88 -26.25
N VAL A 327 -11.25 -10.17 -25.89
CA VAL A 327 -12.35 -10.99 -25.29
C VAL A 327 -11.77 -11.85 -24.16
N LEU A 328 -12.54 -12.10 -23.09
CA LEU A 328 -12.03 -12.74 -21.82
C LEU A 328 -12.20 -14.25 -21.89
N GLU A 329 -11.12 -14.99 -21.60
CA GLU A 329 -11.03 -16.47 -21.71
C GLU A 329 -10.62 -17.04 -20.33
N SER A 330 -11.40 -18.02 -19.86
CA SER A 330 -11.24 -18.73 -18.56
C SER A 330 -9.96 -19.57 -18.61
N CYS A 331 -9.14 -19.53 -17.55
CA CYS A 331 -7.86 -20.27 -17.44
C CYS A 331 -7.84 -21.28 -16.28
N LEU A 332 -8.87 -21.34 -15.43
CA LEU A 332 -8.98 -22.36 -14.35
C LEU A 332 -10.40 -22.37 -13.78
N SER A 333 -11.05 -23.55 -13.79
CA SER A 333 -12.41 -23.81 -13.24
C SER A 333 -12.29 -24.72 -12.01
N LEU A 334 -12.65 -24.21 -10.84
CA LEU A 334 -12.36 -24.84 -9.52
C LEU A 334 -13.33 -25.99 -9.26
N GLY A 335 -14.57 -25.91 -9.74
CA GLY A 335 -15.61 -26.95 -9.60
C GLY A 335 -15.94 -27.23 -8.14
N GLY A 336 -16.60 -28.35 -7.88
CA GLY A 336 -16.82 -28.90 -6.53
C GLY A 336 -18.18 -28.53 -5.92
N HIS A 337 -19.04 -27.80 -6.63
CA HIS A 337 -20.33 -27.31 -6.08
C HIS A 337 -21.51 -28.00 -6.79
N ARG A 338 -22.53 -28.37 -6.01
CA ARG A 338 -23.77 -29.04 -6.46
C ARG A 338 -24.93 -28.03 -6.41
N ALA A 339 -24.65 -26.77 -6.13
CA ALA A 339 -25.64 -25.65 -6.13
C ALA A 339 -24.93 -24.37 -6.54
N PRO A 340 -25.64 -23.37 -7.10
CA PRO A 340 -24.98 -22.18 -7.65
C PRO A 340 -24.08 -21.46 -6.63
N VAL A 341 -22.88 -21.09 -7.08
CA VAL A 341 -21.97 -20.18 -6.31
C VAL A 341 -22.51 -18.76 -6.45
N VAL A 342 -22.61 -18.04 -5.33
CA VAL A 342 -23.24 -16.70 -5.26
C VAL A 342 -22.25 -15.65 -4.73
N THR A 343 -21.15 -16.09 -4.12
CA THR A 343 -20.12 -15.14 -3.61
C THR A 343 -18.77 -15.86 -3.52
N VAL A 344 -17.70 -15.09 -3.61
CA VAL A 344 -16.32 -15.62 -3.73
C VAL A 344 -15.40 -14.73 -2.89
N ASP A 345 -14.23 -15.26 -2.54
CA ASP A 345 -13.13 -14.47 -1.97
C ASP A 345 -11.82 -15.14 -2.33
N TRP A 346 -10.75 -14.36 -2.34
CA TRP A 346 -9.38 -14.82 -2.65
C TRP A 346 -8.44 -14.13 -1.67
N SER A 347 -7.76 -14.90 -0.82
CA SER A 347 -6.74 -14.41 0.15
C SER A 347 -5.42 -15.12 -0.06
N THR A 348 -4.36 -14.60 0.56
N THR A 348 -4.37 -14.60 0.57
CA THR A 348 -2.99 -15.19 0.59
CA THR A 348 -3.00 -15.18 0.63
C THR A 348 -2.44 -15.12 2.02
C THR A 348 -2.52 -15.17 2.08
N ALA A 349 -1.68 -16.15 2.43
CA ALA A 349 -1.00 -16.23 3.74
C ALA A 349 0.10 -17.28 3.59
N MET A 350 1.34 -16.94 3.96
CA MET A 350 2.54 -17.82 3.91
C MET A 350 2.87 -18.20 2.45
N ASP A 351 2.64 -17.29 1.51
CA ASP A 351 2.95 -17.45 0.06
C ASP A 351 2.07 -18.56 -0.51
N CYS A 352 0.79 -18.58 -0.14
CA CYS A 352 -0.18 -19.66 -0.45
C CYS A 352 -1.58 -19.08 -0.63
N GLY A 353 -2.09 -19.08 -1.86
CA GLY A 353 -3.40 -18.51 -2.23
C GLY A 353 -4.54 -19.42 -1.81
N THR A 354 -5.60 -18.83 -1.25
CA THR A 354 -6.83 -19.54 -0.81
C THR A 354 -8.04 -18.89 -1.49
N CYS A 355 -8.72 -19.64 -2.37
CA CYS A 355 -9.99 -19.22 -3.05
C CYS A 355 -11.18 -19.79 -2.29
N LEU A 356 -12.11 -18.93 -1.88
CA LEU A 356 -13.39 -19.32 -1.22
C LEU A 356 -14.51 -19.21 -2.27
N THR A 357 -15.27 -20.28 -2.45
CA THR A 357 -16.49 -20.32 -3.31
C THR A 357 -17.66 -20.79 -2.45
N ALA A 358 -18.72 -19.99 -2.36
CA ALA A 358 -19.87 -20.21 -1.45
C ALA A 358 -21.16 -20.35 -2.28
N SER A 359 -21.97 -21.38 -1.98
CA SER A 359 -23.12 -21.82 -2.80
C SER A 359 -24.43 -21.76 -1.99
N MET A 360 -25.56 -21.94 -2.69
CA MET A 360 -26.92 -21.72 -2.15
C MET A 360 -27.33 -22.84 -1.19
N ASP A 361 -26.57 -23.95 -1.16
CA ASP A 361 -26.77 -25.08 -0.21
C ASP A 361 -26.02 -24.80 1.12
N GLY A 362 -25.35 -23.66 1.24
CA GLY A 362 -24.57 -23.28 2.43
C GLY A 362 -23.15 -23.81 2.41
N LYS A 363 -22.76 -24.59 1.39
CA LYS A 363 -21.40 -25.17 1.28
C LYS A 363 -20.41 -24.07 0.89
N ILE A 364 -19.25 -24.05 1.55
CA ILE A 364 -18.10 -23.18 1.17
C ILE A 364 -16.93 -24.09 0.82
N LYS A 365 -16.44 -24.00 -0.42
CA LYS A 365 -15.23 -24.73 -0.88
C LYS A 365 -14.02 -23.82 -0.69
N LEU A 366 -12.93 -24.40 -0.19
CA LEU A 366 -11.63 -23.71 0.00
C LEU A 366 -10.59 -24.40 -0.89
N THR A 367 -10.11 -23.72 -1.93
CA THR A 367 -9.18 -24.28 -2.94
C THR A 367 -7.82 -23.59 -2.77
N THR A 368 -6.77 -24.37 -2.50
CA THR A 368 -5.40 -23.87 -2.25
C THR A 368 -4.65 -23.81 -3.57
N LEU A 369 -4.16 -22.63 -3.96
CA LEU A 369 -3.41 -22.40 -5.22
C LEU A 369 -1.98 -21.96 -4.88
N LEU A 370 -0.99 -22.62 -5.48
CA LEU A 370 0.43 -22.18 -5.54
C LEU A 370 0.73 -21.69 -6.96
N ALA A 371 1.18 -20.46 -7.13
CA ALA A 371 1.57 -19.84 -8.42
C ALA A 371 2.69 -20.66 -9.07
N HIS A 372 2.61 -20.90 -10.38
CA HIS A 372 3.70 -21.45 -11.23
C HIS A 372 4.15 -20.40 -12.27
N GLN B 21 2.84 27.44 13.14
CA GLN B 21 1.53 27.14 12.49
C GLN B 21 1.26 25.64 12.53
N PRO B 22 1.75 24.81 11.57
CA PRO B 22 1.28 23.42 11.46
C PRO B 22 1.91 22.40 12.40
N PHE B 23 3.01 22.73 13.10
CA PHE B 23 3.73 21.80 14.00
C PHE B 23 4.00 22.42 15.37
N ILE B 24 3.81 21.62 16.43
CA ILE B 24 4.33 21.88 17.82
C ILE B 24 5.75 21.29 17.89
N VAL B 25 6.76 22.13 18.14
CA VAL B 25 8.16 21.69 18.42
C VAL B 25 8.23 21.25 19.89
N LEU B 26 8.18 19.94 20.14
CA LEU B 26 8.23 19.37 21.52
C LEU B 26 9.64 19.55 22.09
N GLY B 27 10.69 19.47 21.25
CA GLY B 27 12.07 19.82 21.64
C GLY B 27 13.11 19.22 20.71
N GLN B 28 14.40 19.40 21.05
CA GLN B 28 15.56 19.01 20.22
C GLN B 28 16.60 18.26 21.08
N GLU B 29 17.17 17.17 20.55
CA GLU B 29 18.26 16.38 21.18
C GLU B 29 19.38 16.22 20.16
N GLU B 30 20.59 15.86 20.60
CA GLU B 30 21.79 15.73 19.73
C GLU B 30 22.50 14.39 19.99
N TYR B 31 22.74 13.63 18.92
CA TYR B 31 23.65 12.44 18.89
C TYR B 31 25.00 12.86 18.30
N GLY B 32 26.07 12.78 19.11
CA GLY B 32 27.41 13.28 18.75
C GLY B 32 28.50 12.22 18.76
N GLU B 33 28.16 10.93 18.60
CA GLU B 33 29.16 9.82 18.65
C GLU B 33 29.99 9.75 17.36
N HIS B 34 29.52 10.31 16.24
CA HIS B 34 30.29 10.44 14.97
C HIS B 34 31.24 11.64 15.09
N HIS B 35 32.49 11.49 14.66
CA HIS B 35 33.53 12.57 14.68
C HIS B 35 33.91 12.95 13.25
N SER B 36 33.13 12.51 12.26
CA SER B 36 33.31 12.82 10.82
C SER B 36 31.94 13.13 10.20
N SER B 37 31.94 13.79 9.05
CA SER B 37 30.72 14.21 8.32
C SER B 37 29.84 12.99 8.06
N ILE B 38 28.54 13.15 8.24
CA ILE B 38 27.53 12.07 8.06
C ILE B 38 27.29 11.88 6.55
N MET B 39 27.21 10.63 6.11
CA MET B 39 26.87 10.22 4.74
C MET B 39 25.40 9.79 4.71
N HIS B 40 24.98 8.95 5.65
CA HIS B 40 23.60 8.42 5.76
C HIS B 40 23.15 8.42 7.22
N CYS B 41 21.86 8.70 7.42
N CYS B 41 21.88 8.77 7.48
CA CYS B 41 21.15 8.67 8.72
CA CYS B 41 21.20 8.56 8.79
C CYS B 41 19.68 8.26 8.45
C CYS B 41 19.71 8.27 8.53
N ARG B 42 19.31 7.02 8.77
CA ARG B 42 17.95 6.49 8.46
C ARG B 42 17.33 5.91 9.74
N VAL B 43 16.11 6.32 10.04
CA VAL B 43 15.26 5.70 11.11
C VAL B 43 14.70 4.40 10.55
N ASP B 44 14.61 3.34 11.37
CA ASP B 44 14.01 2.05 10.96
C ASP B 44 12.50 2.22 10.87
N CYS B 45 11.79 1.20 10.39
CA CYS B 45 10.33 1.20 10.12
C CYS B 45 9.53 1.45 11.41
N SER B 46 10.03 0.95 12.55
CA SER B 46 9.37 1.05 13.88
C SER B 46 9.54 2.46 14.48
N GLY B 47 10.45 3.28 13.95
CA GLY B 47 10.69 4.65 14.45
C GLY B 47 11.45 4.67 15.75
N ARG B 48 12.18 3.60 16.08
CA ARG B 48 12.84 3.40 17.41
C ARG B 48 14.37 3.42 17.29
N ARG B 49 14.92 3.03 16.13
CA ARG B 49 16.39 2.83 15.93
C ARG B 49 16.87 3.69 14.76
N VAL B 50 18.07 4.25 14.87
CA VAL B 50 18.77 4.96 13.77
C VAL B 50 20.01 4.16 13.38
N ALA B 51 20.23 3.99 12.08
CA ALA B 51 21.51 3.59 11.47
C ALA B 51 22.13 4.82 10.81
N SER B 52 23.33 5.21 11.25
CA SER B 52 24.08 6.38 10.74
C SER B 52 25.47 5.92 10.30
N LEU B 53 25.96 6.45 9.17
CA LEU B 53 27.27 6.13 8.54
C LEU B 53 27.99 7.44 8.20
N ASP B 54 29.25 7.59 8.62
CA ASP B 54 30.06 8.81 8.36
C ASP B 54 31.09 8.52 7.26
N VAL B 55 31.81 9.55 6.84
CA VAL B 55 32.76 9.52 5.69
C VAL B 55 34.04 8.77 6.09
N ASP B 56 34.27 8.48 7.39
CA ASP B 56 35.39 7.64 7.87
C ASP B 56 35.01 6.15 7.87
N GLY B 57 33.78 5.81 7.46
CA GLY B 57 33.30 4.42 7.39
C GLY B 57 32.90 3.85 8.73
N VAL B 58 32.62 4.69 9.74
CA VAL B 58 32.08 4.17 11.03
C VAL B 58 30.54 4.13 10.93
N ILE B 59 29.95 2.96 11.19
CA ILE B 59 28.47 2.75 11.27
C ILE B 59 28.10 2.72 12.76
N LYS B 60 27.14 3.55 13.15
CA LYS B 60 26.54 3.54 14.51
C LYS B 60 25.06 3.14 14.38
N VAL B 61 24.63 2.15 15.15
CA VAL B 61 23.19 1.83 15.32
C VAL B 61 22.81 2.23 16.74
N TRP B 62 21.84 3.12 16.87
CA TRP B 62 21.45 3.75 18.16
C TRP B 62 19.93 3.92 18.23
N SER B 63 19.38 3.92 19.44
CA SER B 63 17.96 4.21 19.72
C SER B 63 17.86 5.63 20.26
N PHE B 64 16.68 6.27 20.16
CA PHE B 64 16.39 7.57 20.83
C PHE B 64 15.08 7.50 21.63
N ASN B 65 14.34 6.39 21.56
CA ASN B 65 13.03 6.21 22.23
C ASN B 65 13.05 4.88 22.97
N PRO B 66 12.94 4.84 24.32
CA PRO B 66 12.66 6.02 25.15
C PRO B 66 13.87 6.89 25.52
N ILE B 67 15.09 6.38 25.34
CA ILE B 67 16.36 7.09 25.68
C ILE B 67 17.34 6.94 24.52
N MET B 68 18.31 7.85 24.47
CA MET B 68 19.39 7.87 23.46
C MET B 68 20.52 6.95 23.95
N GLN B 69 20.78 5.86 23.23
CA GLN B 69 21.83 4.87 23.59
C GLN B 69 22.33 4.17 22.32
N THR B 70 23.65 4.07 22.14
CA THR B 70 24.32 3.31 21.06
C THR B 70 24.11 1.82 21.32
N LYS B 71 23.62 1.07 20.32
CA LYS B 71 23.45 -0.40 20.39
C LYS B 71 24.68 -1.08 19.77
N ALA B 72 25.29 -0.48 18.75
CA ALA B 72 26.44 -1.07 18.02
C ALA B 72 27.22 0.04 17.30
N SER B 73 28.53 -0.19 17.19
CA SER B 73 29.51 0.68 16.47
C SER B 73 30.62 -0.19 15.90
N SER B 74 30.93 -0.06 14.61
CA SER B 74 32.10 -0.69 13.96
C SER B 74 32.69 0.24 12.90
N ILE B 75 34.01 0.13 12.68
CA ILE B 75 34.73 0.63 11.47
C ILE B 75 34.82 -0.54 10.49
N SER B 76 34.26 -0.39 9.28
CA SER B 76 34.27 -1.42 8.23
C SER B 76 35.67 -1.53 7.61
N LYS B 77 36.19 -2.75 7.47
CA LYS B 77 37.49 -3.03 6.82
C LYS B 77 37.52 -2.41 5.41
N SER B 78 36.35 -2.16 4.81
CA SER B 78 36.17 -1.49 3.49
C SER B 78 35.31 -0.24 3.65
N PRO B 79 35.39 0.73 2.70
CA PRO B 79 34.42 1.83 2.65
C PRO B 79 33.00 1.27 2.44
N LEU B 80 32.03 1.80 3.18
CA LEU B 80 30.57 1.63 2.95
C LEU B 80 30.04 2.90 2.29
N LEU B 81 29.15 2.73 1.31
CA LEU B 81 28.60 3.83 0.47
C LEU B 81 27.09 3.99 0.70
N SER B 82 26.38 2.91 1.05
CA SER B 82 24.90 2.89 1.13
C SER B 82 24.44 2.03 2.32
N LEU B 83 23.21 2.30 2.74
CA LEU B 83 22.61 1.86 4.02
C LEU B 83 21.11 1.81 3.82
N GLU B 84 20.45 0.69 4.14
CA GLU B 84 19.00 0.54 3.94
C GLU B 84 18.45 -0.48 4.96
N TRP B 85 17.46 -0.08 5.74
CA TRP B 85 16.71 -0.99 6.65
C TRP B 85 15.88 -1.96 5.81
N ALA B 86 15.94 -3.26 6.16
CA ALA B 86 15.00 -4.30 5.67
C ALA B 86 13.59 -3.96 6.16
N THR B 87 12.56 -4.32 5.37
CA THR B 87 11.15 -3.87 5.57
C THR B 87 10.35 -4.88 6.40
N LYS B 88 10.50 -6.19 6.15
CA LYS B 88 9.79 -7.26 6.89
C LYS B 88 10.52 -7.53 8.22
N ARG B 89 11.84 -7.72 8.15
CA ARG B 89 12.71 -7.99 9.33
C ARG B 89 13.21 -6.65 9.90
N ASP B 90 12.52 -6.11 10.91
CA ASP B 90 12.74 -4.75 11.48
C ASP B 90 14.22 -4.49 11.85
N ARG B 91 14.88 -5.44 12.52
CA ARG B 91 16.22 -5.25 13.14
C ARG B 91 17.35 -5.43 12.10
N LEU B 92 17.01 -5.70 10.83
CA LEU B 92 17.98 -6.08 9.77
C LEU B 92 18.35 -4.87 8.91
N LEU B 93 19.64 -4.71 8.63
CA LEU B 93 20.23 -3.54 7.92
C LEU B 93 21.03 -4.07 6.72
N LEU B 94 20.75 -3.53 5.52
CA LEU B 94 21.54 -3.74 4.28
C LEU B 94 22.63 -2.66 4.22
N LEU B 95 23.88 -3.09 4.00
CA LEU B 95 25.08 -2.20 3.89
C LEU B 95 25.78 -2.45 2.54
N GLY B 96 25.86 -1.44 1.69
CA GLY B 96 26.52 -1.51 0.38
C GLY B 96 27.92 -0.93 0.47
N SER B 97 28.93 -1.68 0.04
CA SER B 97 30.36 -1.30 0.12
C SER B 97 30.82 -0.59 -1.17
N GLY B 98 32.10 -0.18 -1.19
CA GLY B 98 32.80 0.31 -2.39
C GLY B 98 33.61 -0.80 -3.05
N VAL B 99 33.43 -2.04 -2.59
CA VAL B 99 34.19 -3.24 -3.08
C VAL B 99 33.18 -4.27 -3.57
N GLY B 100 32.02 -3.81 -4.05
CA GLY B 100 31.03 -4.62 -4.77
C GLY B 100 30.42 -5.71 -3.90
N THR B 101 30.09 -5.40 -2.64
CA THR B 101 29.45 -6.34 -1.69
C THR B 101 28.25 -5.67 -0.99
N VAL B 102 27.30 -6.49 -0.57
CA VAL B 102 26.12 -6.08 0.27
C VAL B 102 26.13 -6.94 1.54
N ARG B 103 26.20 -6.33 2.72
CA ARG B 103 26.11 -7.05 4.02
C ARG B 103 24.66 -7.02 4.51
N LEU B 104 24.15 -8.16 4.97
CA LEU B 104 22.88 -8.23 5.75
C LEU B 104 23.25 -8.35 7.22
N TYR B 105 23.11 -7.26 7.98
CA TYR B 105 23.56 -7.15 9.38
C TYR B 105 22.34 -7.15 10.31
N ASP B 106 22.24 -8.15 11.21
CA ASP B 106 21.22 -8.18 12.30
C ASP B 106 21.70 -7.22 13.41
N THR B 107 21.03 -6.09 13.58
CA THR B 107 21.42 -5.01 14.54
C THR B 107 21.10 -5.43 15.97
N GLU B 108 20.15 -6.34 16.16
CA GLU B 108 19.68 -6.79 17.49
C GLU B 108 20.61 -7.90 18.00
N ALA B 109 20.86 -8.93 17.17
CA ALA B 109 21.82 -10.03 17.46
C ALA B 109 23.25 -9.52 17.31
N LYS B 110 23.44 -8.36 16.68
CA LYS B 110 24.76 -7.70 16.53
C LYS B 110 25.72 -8.66 15.81
N LYS B 111 25.29 -9.19 14.66
CA LYS B 111 26.10 -10.09 13.79
C LYS B 111 25.66 -9.97 12.32
N ASN B 112 26.57 -10.29 11.41
CA ASN B 112 26.31 -10.38 9.95
C ASN B 112 25.65 -11.73 9.67
N LEU B 113 24.47 -11.72 9.07
CA LEU B 113 23.75 -12.96 8.65
C LEU B 113 24.38 -13.44 7.33
N CYS B 114 24.76 -12.54 6.43
CA CYS B 114 25.08 -12.88 5.01
C CYS B 114 25.88 -11.75 4.34
N GLU B 115 26.59 -12.08 3.25
CA GLU B 115 27.31 -11.08 2.41
C GLU B 115 27.23 -11.49 0.93
N ILE B 116 26.57 -10.66 0.12
CA ILE B 116 26.50 -10.83 -1.37
C ILE B 116 27.75 -10.21 -1.99
N ASN B 117 28.46 -10.96 -2.85
CA ASN B 117 29.45 -10.40 -3.79
C ASN B 117 28.74 -10.14 -5.12
N ILE B 118 28.71 -8.89 -5.55
CA ILE B 118 28.32 -8.46 -6.93
C ILE B 118 29.59 -8.50 -7.79
N ASN B 119 29.47 -8.29 -9.11
CA ASN B 119 30.61 -8.13 -10.05
C ASN B 119 31.55 -7.03 -9.53
N ASP B 120 32.86 -7.31 -9.51
CA ASP B 120 33.92 -6.41 -9.00
C ASP B 120 34.26 -5.33 -10.05
N ASN B 121 33.71 -5.42 -11.27
CA ASN B 121 33.84 -4.39 -12.34
C ASN B 121 33.01 -3.15 -11.99
N MET B 122 31.95 -3.30 -11.21
CA MET B 122 31.08 -2.15 -10.77
C MET B 122 30.91 -2.22 -9.25
N PRO B 123 31.97 -1.88 -8.49
CA PRO B 123 32.03 -2.15 -7.06
C PRO B 123 31.38 -1.10 -6.14
N ARG B 124 30.95 0.04 -6.69
CA ARG B 124 30.34 1.13 -5.90
C ARG B 124 28.83 0.86 -5.80
N ILE B 125 28.40 0.36 -4.63
CA ILE B 125 26.96 0.13 -4.34
C ILE B 125 26.41 1.46 -3.82
N LEU B 126 25.91 2.30 -4.74
CA LEU B 126 25.49 3.70 -4.47
C LEU B 126 24.10 3.76 -3.84
N SER B 127 23.26 2.73 -4.02
CA SER B 127 21.84 2.77 -3.63
C SER B 127 21.33 1.36 -3.31
N LEU B 128 20.49 1.27 -2.27
CA LEU B 128 19.78 0.03 -1.86
C LEU B 128 18.33 0.38 -1.56
N ALA B 129 17.40 -0.37 -2.14
CA ALA B 129 15.94 -0.22 -1.92
C ALA B 129 15.34 -1.59 -1.62
N CYS B 130 14.79 -1.77 -0.42
N CYS B 130 14.77 -1.76 -0.43
CA CYS B 130 14.05 -2.99 -0.01
CA CYS B 130 14.09 -3.01 0.00
C CYS B 130 12.59 -2.85 -0.39
C CYS B 130 12.59 -2.91 -0.32
N SER B 131 12.06 -3.85 -1.10
CA SER B 131 10.61 -3.94 -1.46
C SER B 131 9.78 -3.90 -0.19
N PRO B 132 8.68 -3.10 -0.15
CA PRO B 132 7.83 -3.02 1.03
C PRO B 132 7.34 -4.38 1.56
N ASN B 133 7.10 -5.35 0.68
CA ASN B 133 6.59 -6.69 1.06
C ASN B 133 7.75 -7.54 1.63
N GLY B 134 8.99 -7.09 1.49
CA GLY B 134 10.17 -7.68 2.15
C GLY B 134 10.76 -8.84 1.37
N ALA B 135 10.26 -9.10 0.15
CA ALA B 135 10.60 -10.29 -0.65
C ALA B 135 11.86 -10.06 -1.50
N SER B 136 12.26 -8.80 -1.71
CA SER B 136 13.40 -8.48 -2.62
C SER B 136 14.00 -7.12 -2.28
N PHE B 137 15.22 -6.88 -2.75
CA PHE B 137 15.87 -5.55 -2.71
C PHE B 137 16.52 -5.30 -4.06
N VAL B 138 16.58 -4.02 -4.43
CA VAL B 138 17.31 -3.50 -5.61
C VAL B 138 18.60 -2.88 -5.08
N CYS B 139 19.70 -3.02 -5.82
CA CYS B 139 20.94 -2.22 -5.57
C CYS B 139 21.46 -1.64 -6.89
N SER B 140 21.97 -0.41 -6.80
CA SER B 140 22.76 0.27 -7.85
C SER B 140 24.23 -0.11 -7.66
N ALA B 141 24.86 -0.62 -8.72
CA ALA B 141 26.29 -1.00 -8.76
C ALA B 141 26.96 -0.22 -9.89
N ALA B 142 27.89 0.69 -9.55
CA ALA B 142 28.54 1.63 -10.49
C ALA B 142 30.04 1.35 -10.62
N ALA B 143 30.59 1.58 -11.81
CA ALA B 143 32.04 1.53 -12.13
C ALA B 143 32.79 2.55 -11.28
N PRO B 144 34.12 2.43 -11.11
CA PRO B 144 34.89 3.44 -10.37
C PRO B 144 34.65 4.86 -10.92
N SER B 145 34.71 5.87 -10.04
CA SER B 145 34.42 7.28 -10.37
C SER B 145 35.60 7.91 -11.13
N LEU B 146 35.56 7.86 -12.48
CA LEU B 146 36.60 8.41 -13.39
C LEU B 146 35.96 9.47 -14.30
N GLN B 164 30.09 10.73 -14.80
CA GLN B 164 29.44 10.25 -16.05
C GLN B 164 30.01 8.88 -16.44
N VAL B 165 29.83 7.88 -15.58
CA VAL B 165 30.40 6.49 -15.71
C VAL B 165 29.26 5.48 -15.70
N PRO B 166 29.45 4.29 -16.33
CA PRO B 166 28.39 3.28 -16.38
C PRO B 166 28.04 2.66 -15.02
N GLY B 167 26.82 2.12 -14.93
CA GLY B 167 26.30 1.42 -13.76
C GLY B 167 25.25 0.39 -14.15
N ARG B 168 24.91 -0.49 -13.19
CA ARG B 168 23.86 -1.53 -13.33
C ARG B 168 22.81 -1.33 -12.23
N LEU B 169 21.61 -1.86 -12.46
CA LEU B 169 20.51 -1.93 -11.48
C LEU B 169 20.11 -3.40 -11.37
N LEU B 170 20.23 -3.97 -10.17
CA LEU B 170 20.14 -5.44 -9.93
C LEU B 170 19.04 -5.71 -8.90
N LEU B 171 18.24 -6.76 -9.13
CA LEU B 171 17.16 -7.21 -8.23
C LEU B 171 17.61 -8.49 -7.52
N TRP B 172 17.49 -8.53 -6.20
CA TRP B 172 17.93 -9.66 -5.34
C TRP B 172 16.73 -10.23 -4.58
N ASP B 173 16.65 -11.55 -4.44
CA ASP B 173 15.65 -12.24 -3.57
C ASP B 173 16.20 -12.26 -2.14
N THR B 174 15.54 -11.57 -1.21
CA THR B 174 15.97 -11.42 0.21
C THR B 174 16.14 -12.80 0.88
N LYS B 175 15.26 -13.75 0.55
CA LYS B 175 15.21 -15.09 1.20
C LYS B 175 16.49 -15.87 0.86
N THR B 176 16.75 -16.09 -0.43
CA THR B 176 17.91 -16.87 -0.96
C THR B 176 19.18 -16.00 -1.01
N MET B 177 19.02 -14.68 -0.93
CA MET B 177 20.09 -13.67 -1.10
C MET B 177 20.85 -13.94 -2.40
N LYS B 178 20.15 -14.40 -3.44
CA LYS B 178 20.68 -14.62 -4.81
C LYS B 178 20.03 -13.62 -5.77
N GLN B 179 20.80 -13.13 -6.75
CA GLN B 179 20.33 -12.17 -7.79
C GLN B 179 19.21 -12.84 -8.59
N GLN B 180 18.10 -12.13 -8.81
CA GLN B 180 16.94 -12.61 -9.62
C GLN B 180 17.10 -12.15 -11.07
N LEU B 181 17.47 -10.88 -11.29
CA LEU B 181 17.72 -10.33 -12.65
C LEU B 181 18.45 -8.99 -12.58
N GLN B 182 18.82 -8.50 -13.76
CA GLN B 182 19.42 -7.16 -13.98
C GLN B 182 18.45 -6.35 -14.84
N PHE B 183 18.05 -5.16 -14.40
CA PHE B 183 17.21 -4.21 -15.18
C PHE B 183 18.02 -3.65 -16.35
N SER B 184 17.35 -3.32 -17.46
CA SER B 184 17.95 -2.67 -18.65
C SER B 184 17.99 -1.16 -18.42
N LEU B 185 19.19 -0.57 -18.41
CA LEU B 185 19.39 0.90 -18.44
C LEU B 185 19.70 1.32 -19.89
N ASP B 186 18.89 0.82 -20.83
CA ASP B 186 19.02 1.00 -22.30
C ASP B 186 18.60 2.41 -22.69
N PRO B 187 19.22 3.05 -23.71
CA PRO B 187 20.54 2.66 -24.23
C PRO B 187 21.76 3.36 -23.60
N GLU B 188 21.56 4.26 -22.64
CA GLU B 188 22.66 5.11 -22.07
C GLU B 188 22.79 4.89 -20.56
N PRO B 189 23.42 3.76 -20.13
CA PRO B 189 23.33 3.29 -18.74
C PRO B 189 24.31 3.90 -17.71
N ILE B 190 24.04 5.13 -17.23
CA ILE B 190 24.95 5.87 -16.33
C ILE B 190 24.46 5.70 -14.88
N ALA B 191 25.40 5.50 -13.94
CA ALA B 191 25.21 5.12 -12.51
C ALA B 191 23.89 5.64 -11.94
N ILE B 192 23.17 4.79 -11.20
CA ILE B 192 21.93 5.13 -10.46
C ILE B 192 22.33 5.61 -9.06
N ASN B 193 21.98 6.86 -8.72
CA ASN B 193 22.31 7.51 -7.43
C ASN B 193 21.26 7.16 -6.37
N CYS B 194 19.98 7.09 -6.74
CA CYS B 194 18.87 7.08 -5.76
C CYS B 194 17.73 6.19 -6.29
N THR B 195 17.04 5.52 -5.36
CA THR B 195 15.92 4.58 -5.64
C THR B 195 14.87 4.74 -4.55
N ALA B 196 13.59 4.59 -4.90
CA ALA B 196 12.46 4.54 -3.94
C ALA B 196 11.34 3.68 -4.52
N PHE B 197 10.71 2.89 -3.66
CA PHE B 197 9.53 2.06 -3.98
C PHE B 197 8.26 2.85 -3.65
N ASN B 198 7.16 2.60 -4.37
CA ASN B 198 5.81 3.09 -4.00
C ASN B 198 5.29 2.22 -2.84
N HIS B 199 4.06 2.48 -2.37
CA HIS B 199 3.43 1.81 -1.19
C HIS B 199 3.46 0.28 -1.34
N ASN B 200 3.07 -0.25 -2.50
CA ASN B 200 2.90 -1.73 -2.69
C ASN B 200 4.18 -2.36 -3.26
N GLY B 201 5.11 -1.57 -3.80
CA GLY B 201 6.40 -2.07 -4.31
C GLY B 201 6.32 -2.62 -5.74
N ASN B 202 5.24 -2.31 -6.47
CA ASN B 202 5.13 -2.65 -7.92
C ASN B 202 5.86 -1.61 -8.78
N LEU B 203 6.11 -0.41 -8.25
CA LEU B 203 6.85 0.69 -8.95
C LEU B 203 8.10 1.07 -8.17
N LEU B 204 9.21 1.23 -8.90
CA LEU B 204 10.50 1.74 -8.39
C LEU B 204 10.90 2.96 -9.23
N VAL B 205 11.00 4.13 -8.61
CA VAL B 205 11.54 5.37 -9.23
C VAL B 205 13.04 5.44 -8.95
N THR B 206 13.81 5.85 -9.96
CA THR B 206 15.31 5.94 -9.91
C THR B 206 15.77 7.26 -10.52
N GLY B 207 16.85 7.81 -9.97
CA GLY B 207 17.58 8.99 -10.49
C GLY B 207 19.02 8.65 -10.76
N ALA B 208 19.56 9.06 -11.93
CA ALA B 208 20.92 8.71 -12.39
C ALA B 208 21.83 9.94 -12.45
N ALA B 209 23.13 9.70 -12.56
CA ALA B 209 24.19 10.72 -12.60
C ALA B 209 24.08 11.53 -13.91
N ASP B 210 23.38 11.02 -14.94
CA ASP B 210 23.15 11.75 -16.22
C ASP B 210 21.88 12.62 -16.13
N GLY B 211 21.23 12.69 -14.96
CA GLY B 211 20.05 13.54 -14.72
C GLY B 211 18.74 12.88 -15.15
N VAL B 212 18.78 11.60 -15.54
CA VAL B 212 17.60 10.87 -16.08
C VAL B 212 16.88 10.17 -14.91
N ILE B 213 15.55 10.28 -14.89
CA ILE B 213 14.67 9.47 -14.01
C ILE B 213 14.17 8.28 -14.83
N ARG B 214 14.26 7.09 -14.27
CA ARG B 214 13.68 5.85 -14.84
C ARG B 214 12.68 5.28 -13.82
N LEU B 215 11.43 5.08 -14.25
CA LEU B 215 10.37 4.42 -13.47
C LEU B 215 10.25 2.97 -13.93
N PHE B 216 10.54 2.02 -13.05
CA PHE B 216 10.49 0.57 -13.35
C PHE B 216 9.18 -0.03 -12.80
N ASP B 217 8.54 -0.87 -13.62
CA ASP B 217 7.40 -1.73 -13.21
C ASP B 217 7.94 -3.10 -12.81
N MET B 218 7.78 -3.50 -11.55
CA MET B 218 8.44 -4.71 -10.98
C MET B 218 7.66 -5.96 -11.41
N GLN B 219 6.37 -5.84 -11.75
CA GLN B 219 5.58 -6.95 -12.34
C GLN B 219 6.17 -7.30 -13.71
N GLN B 220 6.31 -6.28 -14.56
CA GLN B 220 6.78 -6.36 -15.97
C GLN B 220 8.29 -6.58 -16.02
N HIS B 221 9.02 -6.20 -14.95
CA HIS B 221 10.50 -6.05 -14.87
C HIS B 221 11.00 -5.23 -16.06
N GLU B 222 10.40 -4.06 -16.25
CA GLU B 222 10.59 -3.20 -17.44
C GLU B 222 10.66 -1.75 -16.98
N CYS B 223 11.46 -0.92 -17.65
CA CYS B 223 11.40 0.56 -17.50
C CYS B 223 10.11 1.02 -18.17
N ALA B 224 9.10 1.37 -17.37
CA ALA B 224 7.75 1.76 -17.86
C ALA B 224 7.82 3.13 -18.56
N MET B 225 8.81 3.94 -18.19
CA MET B 225 8.78 5.42 -18.32
C MET B 225 10.15 5.98 -17.94
N SER B 226 10.66 6.93 -18.72
CA SER B 226 11.91 7.67 -18.38
C SER B 226 11.90 9.06 -19.02
N TRP B 227 12.64 10.00 -18.43
CA TRP B 227 12.73 11.40 -18.92
C TRP B 227 13.97 12.08 -18.32
N ARG B 228 14.51 13.08 -19.02
CA ARG B 228 15.58 13.97 -18.51
C ARG B 228 14.93 14.87 -17.45
N ALA B 229 15.39 14.78 -16.21
CA ALA B 229 14.77 15.43 -15.04
C ALA B 229 15.61 16.64 -14.60
N HIS B 230 16.93 16.47 -14.53
CA HIS B 230 17.86 17.52 -14.04
C HIS B 230 19.01 17.70 -15.03
N TYR B 231 19.53 18.91 -15.08
CA TYR B 231 20.86 19.19 -15.66
C TYR B 231 21.89 18.84 -14.59
N GLY B 232 22.67 17.79 -14.82
CA GLY B 232 23.58 17.20 -13.81
C GLY B 232 22.87 16.07 -13.09
N GLU B 233 23.40 15.64 -11.94
CA GLU B 233 22.98 14.40 -11.24
C GLU B 233 21.62 14.57 -10.56
N VAL B 234 20.82 13.49 -10.53
CA VAL B 234 19.64 13.35 -9.64
C VAL B 234 20.15 12.81 -8.30
N TYR B 235 19.82 13.48 -7.21
CA TYR B 235 20.31 13.12 -5.84
C TYR B 235 19.27 12.29 -5.09
N SER B 236 18.00 12.70 -5.11
CA SER B 236 16.90 12.00 -4.38
C SER B 236 15.64 11.97 -5.23
N VAL B 237 14.88 10.89 -5.10
CA VAL B 237 13.55 10.67 -5.76
C VAL B 237 12.59 10.08 -4.71
N GLU B 238 11.30 10.35 -4.89
CA GLU B 238 10.24 9.89 -3.97
C GLU B 238 8.91 9.90 -4.71
N PHE B 239 8.01 8.99 -4.34
CA PHE B 239 6.59 9.02 -4.75
C PHE B 239 5.87 10.05 -3.90
N SER B 240 4.97 10.82 -4.50
CA SER B 240 3.93 11.58 -3.77
C SER B 240 3.08 10.58 -2.97
N TYR B 241 2.42 11.05 -1.91
CA TYR B 241 1.54 10.21 -1.07
C TYR B 241 0.46 9.54 -1.93
N ASP B 242 -0.14 10.30 -2.86
CA ASP B 242 -1.26 9.84 -3.74
C ASP B 242 -0.69 9.07 -4.95
N GLU B 243 0.63 9.07 -5.12
CA GLU B 243 1.41 8.30 -6.14
C GLU B 243 1.03 8.76 -7.56
N ASN B 244 0.44 9.94 -7.71
CA ASN B 244 0.15 10.55 -9.03
C ASN B 244 1.40 11.25 -9.57
N THR B 245 2.33 11.61 -8.69
CA THR B 245 3.58 12.31 -9.08
C THR B 245 4.78 11.65 -8.39
N VAL B 246 5.97 11.89 -8.94
CA VAL B 246 7.26 11.64 -8.25
C VAL B 246 7.95 12.99 -8.05
N TYR B 247 8.63 13.15 -6.93
CA TYR B 247 9.47 14.32 -6.57
C TYR B 247 10.93 13.97 -6.82
N SER B 248 11.70 14.94 -7.31
CA SER B 248 13.16 14.77 -7.49
C SER B 248 13.87 16.07 -7.07
N ILE B 249 15.12 15.93 -6.67
CA ILE B 249 16.04 17.06 -6.34
C ILE B 249 17.40 16.70 -6.95
N GLY B 250 18.05 17.66 -7.58
CA GLY B 250 19.26 17.39 -8.39
C GLY B 250 20.29 18.49 -8.31
N GLU B 251 21.39 18.30 -9.06
CA GLU B 251 22.61 19.14 -9.07
C GLU B 251 22.28 20.56 -9.52
N ASP B 252 21.25 20.76 -10.35
CA ASP B 252 20.82 22.10 -10.82
C ASP B 252 20.14 22.88 -9.68
N GLY B 253 19.98 22.25 -8.51
CA GLY B 253 19.44 22.91 -7.31
C GLY B 253 17.92 23.00 -7.34
N LYS B 254 17.28 22.27 -8.25
CA LYS B 254 15.82 22.33 -8.47
C LYS B 254 15.13 21.18 -7.73
N PHE B 255 13.98 21.47 -7.14
CA PHE B 255 13.00 20.49 -6.63
C PHE B 255 11.86 20.43 -7.65
N ILE B 256 11.60 19.27 -8.24
CA ILE B 256 10.62 19.13 -9.35
C ILE B 256 9.63 18.00 -9.05
N GLN B 257 8.36 18.25 -9.40
CA GLN B 257 7.23 17.31 -9.31
C GLN B 257 6.86 16.86 -10.73
N TRP B 258 6.87 15.54 -10.98
CA TRP B 258 6.65 14.93 -12.32
C TRP B 258 5.38 14.08 -12.33
N ASN B 259 4.58 14.22 -13.39
CA ASN B 259 3.31 13.45 -13.61
C ASN B 259 3.66 12.05 -14.12
N ILE B 260 3.51 11.00 -13.29
CA ILE B 260 3.88 9.62 -13.73
C ILE B 260 2.71 8.96 -14.48
N HIS B 261 1.57 9.65 -14.61
CA HIS B 261 0.42 9.22 -15.44
C HIS B 261 0.49 9.85 -16.85
N LYS B 262 1.51 10.66 -17.11
CA LYS B 262 1.77 11.31 -18.42
C LYS B 262 3.27 11.30 -18.70
N SER B 263 3.88 10.11 -18.77
CA SER B 263 5.27 9.86 -19.24
C SER B 263 6.27 10.82 -18.57
N GLY B 264 6.01 11.20 -17.31
CA GLY B 264 6.91 12.02 -16.47
C GLY B 264 6.79 13.52 -16.71
N LEU B 265 5.73 13.96 -17.38
CA LEU B 265 5.40 15.41 -17.65
C LEU B 265 5.58 16.24 -16.36
N LYS B 266 6.20 17.42 -16.44
CA LYS B 266 6.47 18.32 -15.29
C LYS B 266 5.17 18.92 -14.77
N VAL B 267 4.91 18.84 -13.46
CA VAL B 267 3.71 19.43 -12.79
C VAL B 267 4.10 20.78 -12.19
N SER B 268 5.26 20.84 -11.55
CA SER B 268 5.74 22.04 -10.80
C SER B 268 7.25 21.91 -10.55
N GLU B 269 7.90 23.06 -10.34
CA GLU B 269 9.37 23.23 -10.27
C GLU B 269 9.69 24.37 -9.29
N TYR B 270 10.70 24.19 -8.43
CA TYR B 270 11.19 25.23 -7.50
C TYR B 270 12.72 25.19 -7.43
N SER B 271 13.34 26.37 -7.50
CA SER B 271 14.79 26.58 -7.24
C SER B 271 14.97 26.73 -5.72
N LEU B 272 15.48 25.70 -5.06
CA LEU B 272 15.75 25.72 -3.61
C LEU B 272 16.99 26.57 -3.35
N PRO B 273 17.19 27.06 -2.10
CA PRO B 273 18.46 27.69 -1.75
C PRO B 273 19.61 26.73 -2.07
N SER B 274 20.76 27.30 -2.45
CA SER B 274 21.99 26.55 -2.82
C SER B 274 22.32 25.51 -1.75
N ASP B 275 22.17 25.87 -0.48
CA ASP B 275 22.61 25.05 0.67
C ASP B 275 21.66 23.85 0.85
N ALA B 276 20.59 23.74 0.04
CA ALA B 276 19.70 22.56 -0.01
C ALA B 276 20.36 21.42 -0.77
N THR B 277 21.25 21.72 -1.73
CA THR B 277 21.84 20.72 -2.67
C THR B 277 23.36 20.78 -2.74
N GLY B 278 24.01 21.76 -2.10
CA GLY B 278 25.48 21.80 -2.04
C GLY B 278 26.10 22.22 -3.39
N PRO B 279 27.37 21.88 -3.67
CA PRO B 279 28.20 21.05 -2.79
C PRO B 279 28.33 21.61 -1.37
N PHE B 280 28.42 20.72 -0.37
CA PHE B 280 28.50 21.10 1.05
C PHE B 280 29.97 21.31 1.43
N VAL B 281 30.29 22.48 1.98
CA VAL B 281 31.68 22.94 2.22
C VAL B 281 31.83 23.29 3.69
N LEU B 282 32.84 22.68 4.33
CA LEU B 282 33.34 23.03 5.68
C LEU B 282 34.79 23.50 5.54
N SER B 283 35.05 24.79 5.79
CA SER B 283 36.38 25.43 5.58
C SER B 283 36.84 26.10 6.88
N GLY B 284 38.13 26.49 6.91
CA GLY B 284 38.73 27.37 7.93
C GLY B 284 39.53 28.50 7.27
N TYR B 285 40.03 29.44 8.07
CA TYR B 285 40.70 30.69 7.63
C TYR B 285 42.00 30.39 6.88
N SER B 286 42.38 29.11 6.73
CA SER B 286 43.73 28.64 6.33
C SER B 286 43.80 28.26 4.85
N GLY B 287 42.70 28.42 4.11
CA GLY B 287 42.61 28.03 2.68
C GLY B 287 42.49 26.53 2.52
N TYR B 288 41.99 25.85 3.55
CA TYR B 288 41.69 24.39 3.54
C TYR B 288 40.19 24.20 3.72
N LYS B 289 39.53 23.52 2.78
CA LYS B 289 38.08 23.20 2.88
C LYS B 289 37.87 21.71 2.63
N GLN B 290 36.82 21.16 3.23
CA GLN B 290 36.29 19.80 2.95
C GLN B 290 35.00 19.96 2.15
N VAL B 291 34.86 19.19 1.07
CA VAL B 291 33.75 19.32 0.08
C VAL B 291 33.04 17.97 -0.02
N GLN B 292 31.73 17.98 0.20
CA GLN B 292 30.86 16.78 0.16
C GLN B 292 29.78 17.00 -0.89
N VAL B 293 29.71 16.11 -1.87
CA VAL B 293 28.55 16.05 -2.81
C VAL B 293 27.47 15.22 -2.14
N PRO B 294 26.17 15.51 -2.38
CA PRO B 294 25.09 14.72 -1.77
C PRO B 294 25.26 13.24 -2.10
N ARG B 295 25.02 12.38 -1.12
CA ARG B 295 25.11 10.90 -1.21
C ARG B 295 23.84 10.32 -0.55
N GLY B 296 23.51 10.79 0.65
CA GLY B 296 22.30 10.40 1.39
C GLY B 296 21.09 11.19 0.91
N ARG B 297 19.91 10.86 1.46
CA ARG B 297 18.62 11.54 1.17
C ARG B 297 18.76 13.04 1.41
N LEU B 298 18.35 13.85 0.44
CA LEU B 298 18.39 15.34 0.54
C LEU B 298 17.03 15.89 0.99
N PHE B 299 15.97 15.07 0.95
CA PHE B 299 14.62 15.48 1.43
C PHE B 299 13.97 14.30 2.13
N ALA B 300 12.99 14.61 2.98
CA ALA B 300 12.17 13.65 3.74
C ALA B 300 10.79 14.28 3.96
N PHE B 301 9.76 13.47 4.17
CA PHE B 301 8.35 13.89 4.20
C PHE B 301 7.68 13.41 5.48
N ASP B 302 6.67 14.15 5.95
CA ASP B 302 5.78 13.71 7.05
C ASP B 302 4.90 12.57 6.52
N SER B 303 4.09 11.96 7.40
CA SER B 303 3.42 10.65 7.18
C SER B 303 2.55 10.67 5.92
N GLU B 304 1.89 11.79 5.63
CA GLU B 304 0.93 11.91 4.49
C GLU B 304 1.51 12.81 3.39
N GLY B 305 2.80 13.14 3.46
CA GLY B 305 3.52 13.82 2.37
C GLY B 305 2.95 15.20 2.09
N ASN B 306 2.55 15.93 3.13
CA ASN B 306 2.07 17.33 3.07
C ASN B 306 3.22 18.31 3.31
N TYR B 307 4.29 17.87 3.97
CA TYR B 307 5.45 18.71 4.35
C TYR B 307 6.74 18.00 3.97
N MET B 308 7.74 18.79 3.60
CA MET B 308 9.05 18.27 3.13
C MET B 308 10.16 18.96 3.92
N LEU B 309 11.03 18.16 4.53
CA LEU B 309 12.25 18.58 5.25
C LEU B 309 13.41 18.62 4.25
N THR B 310 14.21 19.68 4.30
CA THR B 310 15.38 19.89 3.40
C THR B 310 16.58 20.32 4.23
N CYS B 311 17.78 20.26 3.62
CA CYS B 311 19.06 20.71 4.20
C CYS B 311 19.17 22.23 4.11
N SER B 312 19.90 22.83 5.06
CA SER B 312 20.42 24.22 5.00
C SER B 312 21.69 24.30 5.85
N ALA B 313 22.45 25.38 5.69
CA ALA B 313 23.74 25.64 6.38
C ALA B 313 23.57 25.49 7.90
N THR B 314 22.40 25.84 8.44
CA THR B 314 22.19 26.02 9.92
C THR B 314 21.12 25.07 10.48
N GLY B 315 20.52 24.20 9.66
CA GLY B 315 19.53 23.21 10.15
C GLY B 315 18.53 22.79 9.09
N GLY B 316 17.59 21.92 9.47
CA GLY B 316 16.47 21.48 8.62
C GLY B 316 15.55 22.65 8.28
N VAL B 317 15.06 22.67 7.04
CA VAL B 317 14.06 23.67 6.57
C VAL B 317 12.87 22.90 6.01
N ILE B 318 11.68 23.15 6.55
CA ILE B 318 10.43 22.42 6.18
C ILE B 318 9.56 23.35 5.32
N TYR B 319 9.03 22.83 4.21
CA TYR B 319 8.12 23.52 3.28
C TYR B 319 6.76 22.82 3.25
N LYS B 320 5.68 23.58 3.06
CA LYS B 320 4.34 23.03 2.71
C LYS B 320 4.32 22.80 1.20
N LEU B 321 4.05 21.57 0.75
CA LEU B 321 4.01 21.20 -0.70
C LEU B 321 2.74 21.77 -1.33
N GLU B 329 7.76 28.80 0.08
CA GLU B 329 6.64 28.25 0.90
C GLU B 329 7.20 27.65 2.19
N SER B 330 8.29 28.23 2.71
CA SER B 330 9.00 27.79 3.95
C SER B 330 8.12 28.09 5.15
N CYS B 331 7.89 27.12 6.04
CA CYS B 331 6.96 27.27 7.20
C CYS B 331 7.64 26.96 8.53
N LEU B 332 8.86 26.41 8.56
CA LEU B 332 9.54 26.03 9.83
C LEU B 332 11.02 25.76 9.58
N SER B 333 11.89 26.46 10.31
CA SER B 333 13.38 26.30 10.34
C SER B 333 13.81 25.71 11.68
N LEU B 334 14.35 24.49 11.67
CA LEU B 334 14.61 23.67 12.89
C LEU B 334 15.85 24.19 13.63
N GLY B 335 16.83 24.73 12.90
CA GLY B 335 18.07 25.30 13.46
C GLY B 335 18.89 24.26 14.20
N GLY B 336 19.86 24.71 14.99
CA GLY B 336 20.61 23.89 15.96
C GLY B 336 21.95 23.39 15.42
N HIS B 337 22.34 23.75 14.20
CA HIS B 337 23.58 23.24 13.55
C HIS B 337 24.60 24.37 13.37
N ARG B 338 25.87 24.07 13.65
CA ARG B 338 27.02 25.00 13.51
C ARG B 338 27.85 24.60 12.28
N ALA B 339 27.38 23.63 11.49
CA ALA B 339 28.04 23.14 10.26
C ALA B 339 26.96 22.68 9.29
N PRO B 340 27.20 22.71 7.96
CA PRO B 340 26.14 22.45 6.99
C PRO B 340 25.45 21.10 7.20
N VAL B 341 24.11 21.09 7.14
CA VAL B 341 23.30 19.84 7.08
C VAL B 341 23.43 19.26 5.68
N VAL B 342 23.70 17.95 5.56
CA VAL B 342 24.00 17.27 4.27
C VAL B 342 23.01 16.11 4.04
N THR B 343 22.29 15.66 5.06
CA THR B 343 21.27 14.61 4.90
C THR B 343 20.23 14.73 6.01
N VAL B 344 19.01 14.29 5.71
CA VAL B 344 17.83 14.48 6.59
C VAL B 344 17.03 13.18 6.58
N ASP B 345 16.19 13.00 7.60
CA ASP B 345 15.18 11.92 7.63
C ASP B 345 14.03 12.40 8.50
N TRP B 346 12.84 11.85 8.24
CA TRP B 346 11.60 12.19 8.99
C TRP B 346 10.86 10.87 9.24
N SER B 347 10.79 10.46 10.51
CA SER B 347 10.07 9.25 10.94
C SER B 347 8.81 9.73 11.68
N THR B 348 7.67 9.17 11.28
CA THR B 348 6.30 9.56 11.72
C THR B 348 5.55 8.28 12.07
N ALA B 349 6.21 7.35 12.77
CA ALA B 349 5.61 6.16 13.40
C ALA B 349 4.82 6.56 14.65
N MET B 350 5.40 7.46 15.47
CA MET B 350 4.69 8.14 16.58
C MET B 350 3.91 9.32 16.00
N ASP B 351 2.83 9.75 16.68
CA ASP B 351 2.03 10.97 16.33
C ASP B 351 2.94 12.20 16.45
N CYS B 352 3.76 12.27 17.51
CA CYS B 352 4.91 13.19 17.61
C CYS B 352 6.04 12.64 16.74
N GLY B 353 6.19 13.19 15.52
CA GLY B 353 7.18 12.76 14.52
C GLY B 353 8.58 13.22 14.88
N THR B 354 9.60 12.56 14.31
CA THR B 354 11.03 12.87 14.58
C THR B 354 11.74 13.24 13.27
N CYS B 355 12.22 14.48 13.17
CA CYS B 355 13.12 14.98 12.09
C CYS B 355 14.58 14.79 12.50
N LEU B 356 15.35 14.08 11.68
CA LEU B 356 16.83 13.93 11.82
C LEU B 356 17.50 14.88 10.84
N THR B 357 18.42 15.71 11.35
CA THR B 357 19.28 16.62 10.56
C THR B 357 20.72 16.29 10.91
N ALA B 358 21.54 15.94 9.91
CA ALA B 358 22.93 15.47 10.06
C ALA B 358 23.87 16.44 9.34
N SER B 359 24.94 16.88 10.01
CA SER B 359 25.85 17.96 9.56
C SER B 359 27.28 17.44 9.37
N MET B 360 28.14 18.27 8.78
CA MET B 360 29.51 17.89 8.34
C MET B 360 30.45 17.73 9.54
N ASP B 361 30.05 18.18 10.73
CA ASP B 361 30.80 17.99 12.00
C ASP B 361 30.46 16.63 12.63
N GLY B 362 29.58 15.85 12.01
CA GLY B 362 29.15 14.52 12.50
C GLY B 362 27.98 14.60 13.46
N LYS B 363 27.51 15.81 13.83
CA LYS B 363 26.36 16.00 14.74
C LYS B 363 25.07 15.61 14.01
N ILE B 364 24.20 14.87 14.71
CA ILE B 364 22.82 14.54 14.26
C ILE B 364 21.84 15.15 15.28
N LYS B 365 21.03 16.12 14.86
CA LYS B 365 19.95 16.73 15.70
C LYS B 365 18.67 15.94 15.47
N LEU B 366 17.94 15.68 16.57
CA LEU B 366 16.60 15.04 16.56
C LEU B 366 15.58 16.06 17.07
N THR B 367 14.69 16.55 16.20
CA THR B 367 13.65 17.53 16.55
C THR B 367 12.28 16.83 16.54
N THR B 368 11.57 16.87 17.68
CA THR B 368 10.25 16.21 17.84
C THR B 368 9.16 17.20 17.44
N LEU B 369 8.34 16.82 16.44
CA LEU B 369 7.22 17.65 15.92
C LEU B 369 5.90 16.90 16.15
N LEU B 370 4.94 17.57 16.79
CA LEU B 370 3.52 17.11 16.91
C LEU B 370 2.67 18.01 16.01
N ALA B 371 1.92 17.44 15.08
CA ALA B 371 1.01 18.16 14.15
C ALA B 371 -0.05 18.91 14.96
N HIS B 372 -0.32 20.18 14.60
CA HIS B 372 -1.31 21.07 15.25
C HIS B 372 -2.32 21.53 14.20
UNK UNX C . -2.80 -16.05 -4.69
UNK UNX D . -32.84 -1.85 -15.43
UNK UNX E . -5.28 -8.05 -20.86
UNK UNX F . 20.57 -15.51 4.70
#